data_6K1P
#
_entry.id   6K1P
#
_cell.length_a   1.00
_cell.length_b   1.00
_cell.length_c   1.00
_cell.angle_alpha   90.00
_cell.angle_beta   90.00
_cell.angle_gamma   90.00
#
_symmetry.space_group_name_H-M   'P 1'
#
loop_
_entity.id
_entity.type
_entity.pdbx_description
1 polymer 'Histone H3'
2 polymer 'Histone H4'
3 polymer 'Histone H2A'
4 polymer 'Histone H2B 1.1'
5 polymer 'DNA (167-MER)'
6 polymer 'DNA (167-MER)'
7 polymer 'ISWI chromatin-remodeling complex ATPase ISW1'
8 non-polymer 'BERYLLIUM TRIFLUORIDE ION'
9 non-polymer 'MAGNESIUM ION'
10 non-polymer "ADENOSINE-5'-DIPHOSPHATE"
#
loop_
_entity_poly.entity_id
_entity_poly.type
_entity_poly.pdbx_seq_one_letter_code
_entity_poly.pdbx_strand_id
1 'polypeptide(L)'
;ARTKQTARKSTGGKAPRKQLATKAARKSAPATGGVKKPHRYRPGTVALREIRRYQKSTELLIRKLPFQRLVREIAQDFKT
DLRFQSSAVMALQEASEAYLVALFEDTNLCAIHAKRVTIMPKDIQLARRIRGERA
;
A,E
2 'polypeptide(L)'
;SGRGKGGKGLGKGGAKRHRKVLRDNIQGITKPAIRRLARRGGVKRISGLIYEETRGVLKVFLENVIRDAVTYTEHAKRKT
VTAMDVVYALKRQGRTLYGFGG
;
B,F
3 'polypeptide(L)'
;SGRGKQGGKTRAKAKTRSSRAGLQFPVGRVHRLLRKGNYAERVGAGAPVYLAAVLEYLTAEILELAGNAARDNKKTRIIP
RHLQLAVRNDEELNKLLGRVTIAQGGVLPNIQSVLLPKKTESSKSAKSK
;
C,G
4 'polypeptide(L)'
;AKSAPAPKKGSKKAVTKTQKKDGKKRRKTRKESYAIYVYKVLKQVHPDTGISSKAMSIMNSFVNDVFERIAGEASRLAHY
NKRSTITSREIQTAVRLLLPGELAKHAVSEGTKAVTKYTSAK
;
D,H
5 'polydeoxyribonucleotide'
;(DC)(DT)(DC)(DG)(DA)(DG)(DA)(DA)(DT)(DC)(DC)(DC)(DG)(DG)(DT)(DG)(DC)(DC)(DG)(DA)
(DG)(DG)(DC)(DC)(DG)(DC)(DT)(DC)(DA)(DA)(DT)(DT)(DG)(DG)(DT)(DC)(DG)(DT)(DA)(DG)
(DA)(DC)(DA)(DG)(DC)(DT)(DC)(DT)(DA)(DG)(DC)(DA)(DC)(DC)(DG)(DC)(DT)(DT)(DA)(DA)
(DA)(DC)(DG)(DC)(DA)(DC)(DG)(DT)(DA)(DC)(DG)(DC)(DG)(DC)(DT)(DG)(DT)(DC)(DC)(DC)
(DC)(DC)(DG)(DC)(DG)(DT)(DT)(DT)(DT)(DA)(DA)(DC)(DC)(DG)(DC)(DC)(DA)(DA)(DG)(DG)
(DG)(DG)(DA)(DT)(DT)(DA)(DC)(DT)(DC)(DC)(DC)(DT)(DA)(DG)(DT)(DC)(DT)(DC)(DC)(DA)
(DG)(DG)(DC)(DA)(DC)(DG)(DT)(DG)(DT)(DC)(DA)(DG)(DA)(DT)(DA)(DT)(DA)(DT)(DA)(DC)
(DA)(DT)(DC)(DC)(DG)(DA)(DT)(DA)(DG)(DC)(DT)(DT)(DG)(DT)(DC)(DG)(DA)(DG)(DA)(DA)
(DG)(DT)(DA)(DC)(DT)(DA)(DG)
;
I
6 'polydeoxyribonucleotide'
;(DC)(DT)(DA)(DG)(DT)(DA)(DC)(DT)(DT)(DC)(DT)(DC)(DG)(DA)(DC)(DA)(DA)(DG)(DC)(DT)
(DA)(DT)(DC)(DG)(DG)(DA)(DT)(DG)(DT)(DA)(DT)(DA)(DT)(DA)(DT)(DC)(DT)(DG)(DA)(DC)
(DA)(DC)(DG)(DT)(DG)(DC)(DC)(DT)(DG)(DG)(DA)(DG)(DA)(DC)(DT)(DA)(DG)(DG)(DG)(DA)
(DG)(DT)(DA)(DA)(DT)(DC)(DC)(DC)(DC)(DT)(DT)(DG)(DG)(DC)(DG)(DG)(DT)(DT)(DA)(DA)
(DA)(DA)(DC)(DG)(DC)(DG)(DG)(DG)(DG)(DG)(DA)(DC)(DA)(DG)(DC)(DG)(DC)(DG)(DT)(DA)
(DC)(DG)(DT)(DG)(DC)(DG)(DT)(DT)(DT)(DA)(DA)(DG)(DC)(DG)(DG)(DT)(DG)(DC)(DT)(DA)
(DG)(DA)(DG)(DC)(DT)(DG)(DT)(DC)(DT)(DA)(DC)(DG)(DA)(DC)(DC)(DA)(DA)(DT)(DT)(DG)
(DA)(DG)(DC)(DG)(DG)(DC)(DC)(DT)(DC)(DG)(DG)(DC)(DA)(DC)(DC)(DG)(DG)(DG)(DA)(DT)
(DT)(DC)(DT)(DC)(DG)(DA)(DG)
;
J
7 'polypeptide(L)'
;ENLKPFQVGLPPHDPESNKKRYLLKDANGKKFDLEGTTKRFEHLLSLSGLFKHFIESKAAKDPKFRQVLDVLEENKANGK
GKGKHQDVRRRKTEHEEDAELLKEEDSDDDESIEFQFRESPAYVNGQLRPYQIQGVNWLVSLHKNKIAGILADEMGLGKT
LQTISFLGYLRYIEKIPGPFLVIAPKSTLNNWLREINRWTPDVNAFILQGDKEERAELIQKKLLGCDFDVVIASYEIIIR
EKSPLKKINWEYIIIDEAHRIKNEESMLSQVLREFTSRNRLLITGTPLQNNLHELWALLNFLLPDIFSDAQDFDDWFSSE
STEEDQDKIVKQLHTVLQPFLLRRIKSDVETSLLPKKELNLYVGMSSMQKKWYKKILEKDLDAVNGSNGSKESKTRLLNI
MMQLRKCCNHPYLFDGAEPGPPYTTDEHLVYNAAKLQVLDKLLKKLKEEGSRVLIFSQMSRLLDILEDYCYFRNYEYCRI
DGSTAHEDRIQAIDDYNAPDSKKFVFLLTTRAGGLGINLTSADVVVLYDSDWNPQADLQAMDRAHRIGQKKQVKVFRLVT
DNSVEEKILERATQKLRLDQLVIQQNRTSLKKKENKADSKDALLSMIQHGAADVFKSGTSTGSAGTPEPGSGEKGDDIDL
DELLLKSENKTKSLNAKYETLGLDDLQKFNQDSAYEWNGQDFKKKIQRDIISPLLLNPTKRERKENYSIDNYYKDVLNTG
RSSTPSHPRMPKPHVFHSHQLQPPQLKVLYEKERMWTAKKTGYVPTMDDVKAAYGDISDEEEKKQKLELLKLSVNNSQPL
TEEEEKMKADWESEGFTNWNKLEFRKFITVSGKYGRNSIQAIARELAPGKTLEEVRAYAKAFWSNIERIEDYEKYLKIIE
NEEEKIKRVKMQQEALRRKLSEYKNPFFDLKLKHPPSSNNKRTYSEEEDRFILLMLFKYGLDRDDVYELVRDEIRDCPLF
ELDFYFRSRTPVELARRGNTLLQCLEKEFNAGIVLDDATKDRMKKEDENGKRIREEFADQTANEKENVDGVESKKAKIED
TSNVGTEQLVAEKIPENETTH
;
K
#
loop_
_chem_comp.id
_chem_comp.type
_chem_comp.name
_chem_comp.formula
ADP non-polymer ADENOSINE-5'-DIPHOSPHATE 'C10 H15 N5 O10 P2'
BEF non-polymer 'BERYLLIUM TRIFLUORIDE ION' 'Be F3 -1'
DA DNA linking 2'-DEOXYADENOSINE-5'-MONOPHOSPHATE 'C10 H14 N5 O6 P'
DC DNA linking 2'-DEOXYCYTIDINE-5'-MONOPHOSPHATE 'C9 H14 N3 O7 P'
DG DNA linking 2'-DEOXYGUANOSINE-5'-MONOPHOSPHATE 'C10 H14 N5 O7 P'
DT DNA linking THYMIDINE-5'-MONOPHOSPHATE 'C10 H15 N2 O8 P'
MG non-polymer 'MAGNESIUM ION' 'Mg 2'
#
# COMPACT_ATOMS: atom_id res chain seq x y z
N LYS A 37 -32.56 -37.73 -3.39
CA LYS A 37 -32.33 -37.35 -1.99
C LYS A 37 -31.04 -36.55 -1.84
N PRO A 38 -31.07 -35.26 -2.26
CA PRO A 38 -29.93 -34.35 -2.19
C PRO A 38 -29.61 -33.96 -0.74
N HIS A 39 -28.56 -33.16 -0.60
CA HIS A 39 -28.03 -32.74 0.70
C HIS A 39 -27.75 -31.25 0.68
N ARG A 40 -28.73 -30.44 1.08
CA ARG A 40 -28.60 -29.00 1.15
C ARG A 40 -28.55 -28.57 2.62
N TYR A 41 -27.68 -27.61 2.93
CA TYR A 41 -27.66 -27.10 4.29
C TYR A 41 -28.84 -26.14 4.44
N ARG A 42 -28.89 -25.42 5.54
CA ARG A 42 -29.99 -24.49 5.74
C ARG A 42 -29.57 -23.10 5.28
N PRO A 43 -30.32 -22.08 5.69
CA PRO A 43 -29.96 -20.72 5.30
C PRO A 43 -29.17 -20.05 6.40
N GLY A 44 -28.85 -20.79 7.45
CA GLY A 44 -28.11 -20.20 8.55
C GLY A 44 -27.02 -21.07 9.15
N THR A 45 -26.23 -21.73 8.30
CA THR A 45 -25.15 -22.54 8.83
C THR A 45 -23.85 -22.30 8.10
N VAL A 46 -23.90 -22.15 6.77
CA VAL A 46 -22.71 -21.87 5.99
C VAL A 46 -22.12 -20.52 6.36
N ALA A 47 -22.98 -19.54 6.66
CA ALA A 47 -22.48 -18.24 7.11
C ALA A 47 -21.78 -18.33 8.46
N LEU A 48 -22.30 -19.14 9.39
CA LEU A 48 -21.65 -19.29 10.68
C LEU A 48 -20.31 -20.00 10.57
N ARG A 49 -20.24 -21.03 9.74
CA ARG A 49 -18.99 -21.74 9.58
C ARG A 49 -17.94 -20.86 8.87
N GLU A 50 -18.39 -20.01 7.93
CA GLU A 50 -17.47 -19.03 7.37
C GLU A 50 -17.02 -18.01 8.39
N ILE A 51 -17.89 -17.63 9.32
CA ILE A 51 -17.51 -16.65 10.34
C ILE A 51 -16.39 -17.20 11.21
N ARG A 52 -16.49 -18.46 11.61
CA ARG A 52 -15.42 -19.03 12.44
C ARG A 52 -14.13 -19.23 11.65
N ARG A 53 -14.25 -19.64 10.38
CA ARG A 53 -13.08 -19.79 9.53
C ARG A 53 -12.35 -18.48 9.29
N TYR A 54 -13.08 -17.40 9.04
CA TYR A 54 -12.40 -16.14 8.76
C TYR A 54 -12.02 -15.37 10.00
N GLN A 55 -12.62 -15.65 11.15
CA GLN A 55 -12.05 -15.07 12.35
C GLN A 55 -10.83 -15.83 12.81
N LYS A 56 -10.60 -17.03 12.29
CA LYS A 56 -9.44 -17.79 12.73
C LYS A 56 -8.15 -17.42 11.99
N SER A 57 -8.22 -16.82 10.80
CA SER A 57 -7.03 -16.66 9.96
C SER A 57 -6.93 -15.26 9.38
N THR A 58 -5.75 -14.97 8.80
CA THR A 58 -5.25 -13.61 8.58
C THR A 58 -4.69 -13.40 7.16
N GLU A 59 -5.40 -13.79 6.11
CA GLU A 59 -4.92 -13.45 4.78
C GLU A 59 -5.33 -12.03 4.42
N LEU A 60 -5.22 -11.68 3.14
CA LEU A 60 -5.70 -10.41 2.62
C LEU A 60 -6.97 -10.61 1.82
N LEU A 61 -8.09 -10.18 2.40
CA LEU A 61 -9.42 -10.44 1.89
C LEU A 61 -9.75 -9.67 0.63
N ILE A 62 -8.97 -8.64 0.31
CA ILE A 62 -9.08 -7.92 -0.94
C ILE A 62 -7.93 -8.39 -1.82
N ARG A 63 -8.20 -8.54 -3.12
CA ARG A 63 -7.14 -8.98 -4.02
C ARG A 63 -6.11 -7.88 -4.22
N LYS A 64 -4.94 -8.27 -4.74
CA LYS A 64 -3.83 -7.32 -4.81
C LYS A 64 -4.01 -6.33 -5.97
N LEU A 65 -4.05 -6.83 -7.20
CA LEU A 65 -4.01 -5.94 -8.36
C LEU A 65 -5.21 -5.03 -8.59
N PRO A 66 -6.47 -5.41 -8.29
CA PRO A 66 -7.53 -4.40 -8.31
C PRO A 66 -7.32 -3.29 -7.32
N PHE A 67 -6.79 -3.62 -6.14
CA PHE A 67 -6.52 -2.59 -5.17
C PHE A 67 -5.36 -1.70 -5.59
N GLN A 68 -4.38 -2.27 -6.30
CA GLN A 68 -3.26 -1.46 -6.76
C GLN A 68 -3.68 -0.50 -7.86
N ARG A 69 -4.56 -0.94 -8.76
CA ARG A 69 -5.10 -0.02 -9.76
C ARG A 69 -5.94 1.07 -9.10
N LEU A 70 -6.69 0.71 -8.04
CA LEU A 70 -7.47 1.71 -7.31
C LEU A 70 -6.60 2.78 -6.69
N VAL A 71 -5.50 2.38 -6.07
CA VAL A 71 -4.66 3.33 -5.37
C VAL A 71 -3.91 4.23 -6.37
N ARG A 72 -3.48 3.66 -7.50
CA ARG A 72 -2.83 4.51 -8.50
C ARG A 72 -3.81 5.48 -9.17
N GLU A 73 -5.07 5.06 -9.36
CA GLU A 73 -6.10 5.95 -9.89
C GLU A 73 -6.35 7.13 -8.97
N ILE A 74 -6.51 6.87 -7.66
CA ILE A 74 -6.77 7.98 -6.75
C ILE A 74 -5.51 8.83 -6.55
N ALA A 75 -4.33 8.28 -6.72
CA ALA A 75 -3.14 9.11 -6.59
C ALA A 75 -2.89 9.97 -7.81
N GLN A 76 -3.39 9.60 -9.00
CA GLN A 76 -3.20 10.49 -10.15
C GLN A 76 -4.32 11.50 -10.32
N ASP A 77 -4.93 11.96 -9.23
CA ASP A 77 -5.67 13.21 -9.22
C ASP A 77 -5.01 14.30 -8.40
N PHE A 78 -4.06 13.95 -7.55
CA PHE A 78 -3.51 14.90 -6.59
C PHE A 78 -2.14 15.42 -7.00
N LYS A 79 -1.24 14.53 -7.41
CA LYS A 79 -0.07 14.91 -8.17
C LYS A 79 0.09 13.92 -9.29
N THR A 80 0.27 14.42 -10.50
CA THR A 80 0.30 13.54 -11.64
C THR A 80 1.64 12.82 -11.73
N ASP A 81 1.57 11.53 -12.10
CA ASP A 81 2.70 10.67 -12.44
C ASP A 81 3.66 10.49 -11.26
N LEU A 82 3.15 9.82 -10.23
CA LEU A 82 3.96 9.35 -9.12
C LEU A 82 4.31 7.88 -9.28
N ARG A 83 5.34 7.47 -8.56
CA ARG A 83 5.74 6.08 -8.45
C ARG A 83 5.56 5.60 -7.03
N PHE A 84 5.06 4.38 -6.87
CA PHE A 84 4.91 3.76 -5.57
C PHE A 84 5.98 2.71 -5.34
N GLN A 85 6.28 2.46 -4.07
CA GLN A 85 6.91 1.19 -3.75
C GLN A 85 5.83 0.13 -3.62
N SER A 86 6.24 -1.10 -3.36
CA SER A 86 5.24 -2.16 -3.21
C SER A 86 4.73 -2.24 -1.79
N SER A 87 5.62 -2.07 -0.81
CA SER A 87 5.21 -2.17 0.58
C SER A 87 4.31 -1.02 1.01
N ALA A 88 4.37 0.13 0.35
CA ALA A 88 3.43 1.20 0.68
C ALA A 88 2.02 0.88 0.20
N VAL A 89 1.90 0.19 -0.93
CA VAL A 89 0.58 -0.28 -1.35
C VAL A 89 0.09 -1.37 -0.39
N MET A 90 1.00 -2.18 0.15
CA MET A 90 0.64 -3.10 1.21
C MET A 90 0.15 -2.37 2.47
N ALA A 91 0.74 -1.23 2.77
CA ALA A 91 0.32 -0.48 3.95
C ALA A 91 -1.08 0.08 3.79
N LEU A 92 -1.37 0.63 2.61
CA LEU A 92 -2.72 1.13 2.35
C LEU A 92 -3.75 0.01 2.41
N GLN A 93 -3.38 -1.19 1.94
CA GLN A 93 -4.30 -2.31 2.04
C GLN A 93 -4.56 -2.72 3.48
N GLU A 94 -3.52 -2.72 4.31
CA GLU A 94 -3.71 -3.13 5.69
C GLU A 94 -4.56 -2.13 6.46
N ALA A 95 -4.35 -0.84 6.24
CA ALA A 95 -5.20 0.13 6.92
C ALA A 95 -6.63 0.11 6.42
N SER A 96 -6.86 -0.16 5.13
CA SER A 96 -8.23 -0.22 4.64
C SER A 96 -8.98 -1.42 5.20
N GLU A 97 -8.31 -2.57 5.35
CA GLU A 97 -8.99 -3.69 5.99
C GLU A 97 -9.29 -3.42 7.45
N ALA A 98 -8.39 -2.72 8.15
CA ALA A 98 -8.67 -2.41 9.57
C ALA A 98 -9.87 -1.51 9.72
N TYR A 99 -9.94 -0.47 8.88
CA TYR A 99 -11.05 0.46 8.97
C TYR A 99 -12.37 -0.18 8.56
N LEU A 100 -12.39 -1.00 7.51
CA LEU A 100 -13.65 -1.63 7.15
C LEU A 100 -14.11 -2.70 8.12
N VAL A 101 -13.19 -3.45 8.73
CA VAL A 101 -13.62 -4.45 9.70
C VAL A 101 -14.20 -3.79 10.95
N ALA A 102 -13.59 -2.70 11.42
CA ALA A 102 -14.17 -1.99 12.55
C ALA A 102 -15.51 -1.37 12.20
N LEU A 103 -15.66 -0.90 10.96
CA LEU A 103 -16.92 -0.32 10.52
C LEU A 103 -18.05 -1.35 10.49
N PHE A 104 -17.76 -2.56 10.04
CA PHE A 104 -18.82 -3.58 10.01
C PHE A 104 -19.11 -4.15 11.39
N GLU A 105 -18.16 -4.14 12.32
CA GLU A 105 -18.51 -4.46 13.71
C GLU A 105 -19.50 -3.46 14.28
N ASP A 106 -19.25 -2.17 14.09
CA ASP A 106 -20.14 -1.18 14.69
C ASP A 106 -21.50 -1.15 13.99
N THR A 107 -21.52 -1.40 12.68
CA THR A 107 -22.79 -1.56 11.97
C THR A 107 -23.58 -2.74 12.50
N ASN A 108 -22.92 -3.87 12.76
CA ASN A 108 -23.62 -5.04 13.29
C ASN A 108 -24.15 -4.78 14.69
N LEU A 109 -23.45 -3.99 15.50
CA LEU A 109 -24.00 -3.62 16.81
C LEU A 109 -25.26 -2.79 16.68
N CYS A 110 -25.28 -1.82 15.76
CA CYS A 110 -26.52 -1.06 15.56
C CYS A 110 -27.64 -1.93 14.99
N ALA A 111 -27.29 -2.91 14.15
CA ALA A 111 -28.31 -3.74 13.55
C ALA A 111 -28.95 -4.68 14.57
N ILE A 112 -28.15 -5.29 15.43
CA ILE A 112 -28.71 -6.14 16.48
C ILE A 112 -29.44 -5.28 17.50
N HIS A 113 -29.09 -4.00 17.63
CA HIS A 113 -29.90 -3.10 18.42
C HIS A 113 -31.28 -2.89 17.81
N ALA A 114 -31.37 -2.80 16.49
CA ALA A 114 -32.63 -2.41 15.88
C ALA A 114 -33.56 -3.59 15.59
N LYS A 115 -33.47 -4.67 16.37
CA LYS A 115 -34.36 -5.84 16.32
C LYS A 115 -34.30 -6.57 14.97
N ARG A 116 -33.15 -6.55 14.33
CA ARG A 116 -32.92 -7.23 13.07
C ARG A 116 -31.66 -8.07 13.22
N VAL A 117 -31.38 -8.95 12.26
CA VAL A 117 -30.08 -9.59 12.19
C VAL A 117 -29.36 -9.24 10.89
N THR A 118 -29.93 -8.34 10.11
CA THR A 118 -29.41 -7.93 8.81
C THR A 118 -28.77 -6.57 8.95
N ILE A 119 -27.73 -6.30 8.19
CA ILE A 119 -27.26 -4.93 8.08
C ILE A 119 -27.90 -4.27 6.88
N MET A 120 -27.89 -2.94 6.85
CA MET A 120 -28.58 -2.13 5.86
C MET A 120 -27.79 -0.83 5.71
N PRO A 121 -28.00 -0.07 4.63
CA PRO A 121 -27.26 1.18 4.48
C PRO A 121 -27.52 2.23 5.55
N LYS A 122 -28.74 2.25 6.12
CA LYS A 122 -29.01 3.22 7.17
C LYS A 122 -28.22 2.91 8.42
N ASP A 123 -27.82 1.65 8.62
CA ASP A 123 -26.99 1.31 9.77
C ASP A 123 -25.56 1.80 9.60
N ILE A 124 -24.99 1.67 8.40
CA ILE A 124 -23.62 2.17 8.19
C ILE A 124 -23.60 3.69 8.26
N GLN A 125 -24.65 4.34 7.73
CA GLN A 125 -24.72 5.79 7.82
C GLN A 125 -24.89 6.26 9.27
N LEU A 126 -25.62 5.50 10.09
CA LEU A 126 -25.70 5.81 11.51
C LEU A 126 -24.36 5.62 12.20
N ALA A 127 -23.71 4.47 12.01
CA ALA A 127 -22.47 4.20 12.72
C ALA A 127 -21.31 5.03 12.20
N ARG A 128 -21.46 5.75 11.09
CA ARG A 128 -20.52 6.81 10.80
C ARG A 128 -20.96 8.17 11.31
N ARG A 129 -22.25 8.37 11.55
CA ARG A 129 -22.67 9.63 12.16
C ARG A 129 -22.29 9.70 13.63
N ILE A 130 -22.28 8.56 14.33
CA ILE A 130 -22.09 8.59 15.79
C ILE A 130 -20.64 8.89 16.15
N ARG A 131 -19.67 8.38 15.37
CA ARG A 131 -18.27 8.52 15.75
C ARG A 131 -17.75 9.94 15.64
N GLY A 132 -18.44 10.82 14.94
CA GLY A 132 -17.93 12.16 14.71
C GLY A 132 -17.16 12.29 13.42
N GLU A 133 -17.53 11.51 12.42
CA GLU A 133 -16.84 11.51 11.15
C GLU A 133 -17.78 11.87 10.00
N ARG A 134 -18.50 12.97 10.16
CA ARG A 134 -19.43 13.43 9.15
C ARG A 134 -20.21 14.66 9.65
N GLY B 14 -15.49 -7.26 -35.07
CA GLY B 14 -15.48 -8.21 -33.97
C GLY B 14 -15.90 -7.61 -32.65
N ALA B 15 -15.46 -6.37 -32.41
CA ALA B 15 -15.80 -5.55 -31.24
C ALA B 15 -15.40 -6.21 -29.92
N LYS B 16 -14.08 -6.41 -29.76
CA LYS B 16 -13.52 -6.90 -28.51
C LYS B 16 -12.57 -5.92 -27.84
N ARG B 17 -12.02 -4.96 -28.56
CA ARG B 17 -11.00 -4.08 -27.98
C ARG B 17 -11.61 -2.98 -27.13
N HIS B 18 -12.84 -2.56 -27.42
CA HIS B 18 -13.42 -1.36 -26.83
C HIS B 18 -14.02 -1.60 -25.45
N ARG B 19 -13.94 -2.83 -24.94
CA ARG B 19 -14.49 -3.16 -23.63
C ARG B 19 -13.41 -3.33 -22.57
N LYS B 20 -12.18 -2.94 -22.87
CA LYS B 20 -11.10 -2.97 -21.90
C LYS B 20 -11.10 -1.72 -21.02
N VAL B 21 -12.07 -0.81 -21.23
CA VAL B 21 -12.02 0.57 -20.74
C VAL B 21 -12.06 0.63 -19.21
N LEU B 22 -11.79 1.84 -18.69
CA LEU B 22 -11.31 2.08 -17.33
C LEU B 22 -12.23 1.59 -16.23
N ARG B 23 -13.47 1.17 -16.53
CA ARG B 23 -14.27 0.25 -15.71
C ARG B 23 -14.80 0.90 -14.43
N ASP B 24 -14.38 2.15 -14.15
CA ASP B 24 -14.58 2.82 -12.87
C ASP B 24 -14.06 1.93 -11.73
N ASN B 25 -12.73 1.85 -11.68
CA ASN B 25 -11.92 0.84 -11.02
C ASN B 25 -12.19 0.60 -9.53
N ILE B 26 -13.04 1.42 -8.92
CA ILE B 26 -13.60 1.13 -7.61
C ILE B 26 -14.45 -0.14 -7.64
N GLN B 27 -14.90 -0.59 -8.81
CA GLN B 27 -15.40 -1.95 -9.01
C GLN B 27 -14.32 -3.02 -8.96
N GLY B 28 -13.07 -2.67 -8.68
CA GLY B 28 -12.10 -3.68 -8.33
C GLY B 28 -12.39 -4.31 -6.98
N ILE B 29 -13.04 -3.57 -6.09
CA ILE B 29 -13.42 -4.11 -4.80
C ILE B 29 -14.71 -4.89 -5.00
N THR B 30 -14.57 -6.16 -5.35
CA THR B 30 -15.67 -6.95 -5.86
C THR B 30 -16.63 -7.36 -4.75
N LYS B 31 -17.77 -7.93 -5.15
CA LYS B 31 -18.79 -8.32 -4.17
C LYS B 31 -18.35 -9.39 -3.18
N PRO B 32 -17.68 -10.49 -3.56
CA PRO B 32 -17.19 -11.40 -2.52
C PRO B 32 -16.10 -10.84 -1.63
N ALA B 33 -15.38 -9.80 -2.06
CA ALA B 33 -14.40 -9.21 -1.16
C ALA B 33 -15.10 -8.49 -0.01
N ILE B 34 -16.13 -7.70 -0.33
CA ILE B 34 -16.90 -7.02 0.70
C ILE B 34 -17.63 -8.03 1.57
N ARG B 35 -18.08 -9.14 1.00
CA ARG B 35 -18.71 -10.15 1.85
C ARG B 35 -17.70 -10.86 2.74
N ARG B 36 -16.45 -11.03 2.31
CA ARG B 36 -15.49 -11.67 3.21
C ARG B 36 -15.10 -10.75 4.35
N LEU B 37 -14.98 -9.44 4.08
CA LEU B 37 -14.78 -8.49 5.17
C LEU B 37 -15.92 -8.54 6.16
N ALA B 38 -17.16 -8.56 5.67
CA ALA B 38 -18.29 -8.58 6.58
C ALA B 38 -18.46 -9.93 7.27
N ARG B 39 -17.94 -11.01 6.70
CA ARG B 39 -18.00 -12.29 7.42
C ARG B 39 -16.97 -12.35 8.52
N ARG B 40 -15.76 -11.82 8.27
CA ARG B 40 -14.79 -11.72 9.35
C ARG B 40 -15.30 -10.82 10.46
N GLY B 41 -15.94 -9.71 10.11
CA GLY B 41 -16.27 -8.71 11.09
C GLY B 41 -17.33 -9.13 12.09
N GLY B 42 -18.26 -9.97 11.67
CA GLY B 42 -19.26 -10.43 12.61
C GLY B 42 -20.65 -10.54 12.04
N VAL B 43 -20.88 -9.96 10.88
CA VAL B 43 -22.21 -9.88 10.31
C VAL B 43 -22.62 -11.24 9.75
N LYS B 44 -23.76 -11.76 10.21
CA LYS B 44 -24.24 -13.03 9.68
C LYS B 44 -24.90 -12.86 8.32
N ARG B 45 -25.71 -11.84 8.13
CA ARG B 45 -26.56 -11.78 6.95
C ARG B 45 -26.62 -10.38 6.38
N ILE B 46 -26.17 -10.21 5.14
CA ILE B 46 -25.98 -8.89 4.53
C ILE B 46 -27.18 -8.58 3.66
N SER B 47 -27.47 -7.29 3.48
CA SER B 47 -28.47 -6.86 2.51
C SER B 47 -27.85 -6.80 1.13
N GLY B 48 -28.56 -6.18 0.20
CA GLY B 48 -28.10 -6.10 -1.17
C GLY B 48 -27.81 -4.69 -1.61
N LEU B 49 -27.86 -3.75 -0.67
CA LEU B 49 -27.50 -2.37 -0.96
C LEU B 49 -26.36 -1.88 -0.09
N ILE B 50 -25.62 -2.79 0.55
CA ILE B 50 -24.43 -2.39 1.29
C ILE B 50 -23.35 -1.94 0.34
N TYR B 51 -23.35 -2.47 -0.88
CA TYR B 51 -22.15 -2.52 -1.71
C TYR B 51 -21.76 -1.14 -2.24
N GLU B 52 -22.76 -0.37 -2.69
CA GLU B 52 -22.49 0.98 -3.16
C GLU B 52 -21.97 1.86 -2.03
N GLU B 53 -22.54 1.68 -0.84
CA GLU B 53 -22.14 2.46 0.31
C GLU B 53 -20.74 2.07 0.80
N THR B 54 -20.38 0.80 0.70
CA THR B 54 -19.06 0.36 1.12
C THR B 54 -17.99 0.89 0.19
N ARG B 55 -18.26 0.89 -1.12
CA ARG B 55 -17.30 1.50 -2.04
C ARG B 55 -17.18 3.01 -1.82
N GLY B 56 -18.29 3.67 -1.45
CA GLY B 56 -18.20 5.09 -1.12
C GLY B 56 -17.35 5.38 0.09
N VAL B 57 -17.52 4.60 1.16
CA VAL B 57 -16.73 4.79 2.38
C VAL B 57 -15.26 4.51 2.13
N LEU B 58 -14.95 3.44 1.41
CA LEU B 58 -13.57 3.09 1.14
C LEU B 58 -12.89 4.10 0.25
N LYS B 59 -13.63 4.70 -0.69
CA LYS B 59 -13.01 5.75 -1.49
C LYS B 59 -12.76 7.02 -0.68
N VAL B 60 -13.61 7.34 0.30
CA VAL B 60 -13.33 8.50 1.16
C VAL B 60 -12.06 8.27 1.99
N PHE B 61 -11.93 7.08 2.59
CA PHE B 61 -10.77 6.81 3.43
C PHE B 61 -9.47 6.79 2.64
N LEU B 62 -9.48 6.21 1.43
CA LEU B 62 -8.26 6.21 0.65
C LEU B 62 -7.93 7.58 0.09
N GLU B 63 -8.94 8.43 -0.17
CA GLU B 63 -8.64 9.82 -0.54
C GLU B 63 -7.88 10.54 0.55
N ASN B 64 -8.30 10.40 1.80
CA ASN B 64 -7.63 11.17 2.85
C ASN B 64 -6.22 10.67 3.13
N VAL B 65 -6.02 9.35 3.20
CA VAL B 65 -4.67 8.86 3.50
C VAL B 65 -3.72 9.12 2.33
N ILE B 66 -4.19 9.00 1.08
CA ILE B 66 -3.30 9.25 -0.03
C ILE B 66 -3.04 10.75 -0.18
N ARG B 67 -3.95 11.61 0.27
CA ARG B 67 -3.67 13.04 0.23
C ARG B 67 -2.54 13.41 1.18
N ASP B 68 -2.55 12.86 2.40
CA ASP B 68 -1.43 13.17 3.28
C ASP B 68 -0.14 12.52 2.83
N ALA B 69 -0.19 11.34 2.22
CA ALA B 69 1.04 10.72 1.71
C ALA B 69 1.65 11.52 0.56
N VAL B 70 0.82 12.02 -0.35
CA VAL B 70 1.32 12.85 -1.44
C VAL B 70 1.87 14.17 -0.92
N THR B 71 1.32 14.72 0.16
CA THR B 71 1.91 15.95 0.69
C THR B 71 3.28 15.71 1.33
N TYR B 72 3.43 14.63 2.10
CA TYR B 72 4.75 14.30 2.63
C TYR B 72 5.76 13.98 1.54
N THR B 73 5.32 13.39 0.43
CA THR B 73 6.29 13.08 -0.63
C THR B 73 6.63 14.29 -1.48
N GLU B 74 5.67 15.16 -1.80
CA GLU B 74 5.98 16.42 -2.46
C GLU B 74 6.82 17.35 -1.61
N HIS B 75 6.86 17.15 -0.29
CA HIS B 75 7.69 18.04 0.51
C HIS B 75 9.17 17.79 0.28
N ALA B 76 9.61 16.54 0.43
CA ALA B 76 11.05 16.26 0.39
C ALA B 76 11.57 16.10 -1.02
N LYS B 77 10.87 16.64 -2.02
CA LYS B 77 11.23 16.78 -3.43
C LYS B 77 11.20 15.45 -4.18
N ARG B 78 10.83 14.36 -3.54
CA ARG B 78 10.95 13.05 -4.17
C ARG B 78 9.79 12.82 -5.12
N LYS B 79 9.81 11.65 -5.78
CA LYS B 79 8.67 11.16 -6.56
C LYS B 79 8.45 9.67 -6.32
N THR B 80 8.65 9.21 -5.09
CA THR B 80 8.53 7.80 -4.76
C THR B 80 7.87 7.70 -3.40
N VAL B 81 6.59 7.34 -3.36
CA VAL B 81 5.85 7.33 -2.10
C VAL B 81 6.23 6.05 -1.36
N THR B 82 7.16 6.16 -0.42
CA THR B 82 7.63 5.01 0.32
C THR B 82 6.65 4.63 1.41
N ALA B 83 6.92 3.52 2.08
CA ALA B 83 6.01 3.00 3.10
C ALA B 83 6.03 3.85 4.36
N MET B 84 7.16 4.48 4.65
CA MET B 84 7.25 5.38 5.79
C MET B 84 6.31 6.57 5.66
N ASP B 85 6.00 6.99 4.43
CA ASP B 85 5.08 8.11 4.26
C ASP B 85 3.64 7.72 4.56
N VAL B 86 3.25 6.49 4.21
CA VAL B 86 1.90 6.07 4.55
C VAL B 86 1.79 5.78 6.03
N VAL B 87 2.86 5.28 6.66
CA VAL B 87 2.83 5.12 8.12
C VAL B 87 2.73 6.47 8.83
N TYR B 88 3.43 7.49 8.32
CA TYR B 88 3.31 8.82 8.93
C TYR B 88 1.96 9.46 8.62
N ALA B 89 1.36 9.16 7.48
CA ALA B 89 0.05 9.74 7.19
C ALA B 89 -1.04 9.08 8.03
N LEU B 90 -0.92 7.80 8.33
CA LEU B 90 -1.88 7.18 9.23
C LEU B 90 -1.64 7.58 10.68
N LYS B 91 -0.38 7.83 11.07
CA LYS B 91 -0.12 8.31 12.42
C LYS B 91 -0.63 9.72 12.60
N ARG B 92 -0.66 10.48 11.51
CA ARG B 92 -1.22 11.82 11.50
C ARG B 92 -2.68 11.84 11.92
N GLN B 93 -3.47 10.87 11.46
CA GLN B 93 -4.91 10.95 11.68
C GLN B 93 -5.38 10.24 12.94
N GLY B 94 -4.50 9.54 13.66
CA GLY B 94 -4.85 8.81 14.85
C GLY B 94 -4.71 7.32 14.73
N ARG B 95 -5.09 6.75 13.60
CA ARG B 95 -5.06 5.31 13.39
C ARG B 95 -3.62 4.90 13.16
N THR B 96 -2.90 4.61 14.24
CA THR B 96 -1.50 4.22 14.14
C THR B 96 -1.39 2.86 13.48
N LEU B 97 -0.30 2.62 12.77
CA LEU B 97 -0.08 1.35 12.10
C LEU B 97 1.30 0.84 12.45
N TYR B 98 1.36 -0.31 13.11
CA TYR B 98 2.62 -0.91 13.52
C TYR B 98 3.05 -1.95 12.51
N GLY B 99 4.32 -1.94 12.18
CA GLY B 99 4.85 -3.07 11.45
C GLY B 99 5.67 -2.74 10.23
N PHE B 100 5.85 -1.46 9.93
CA PHE B 100 6.53 -1.06 8.72
C PHE B 100 7.73 -0.15 8.94
N GLY B 101 7.79 0.55 10.06
CA GLY B 101 8.93 1.40 10.35
C GLY B 101 8.50 2.71 10.95
N ALA C 12 21.35 54.48 13.41
CA ALA C 12 20.14 54.13 12.66
C ALA C 12 18.93 54.11 13.58
N LYS C 13 17.75 54.27 12.99
CA LYS C 13 16.49 54.27 13.75
C LYS C 13 15.89 52.86 13.77
N ALA C 14 14.57 52.78 13.70
CA ALA C 14 13.90 51.49 13.74
C ALA C 14 12.82 51.35 12.67
N LYS C 15 12.65 50.14 12.17
CA LYS C 15 11.65 49.83 11.15
C LYS C 15 11.20 48.40 11.41
N THR C 16 10.12 48.25 12.16
CA THR C 16 9.71 46.95 12.67
C THR C 16 9.23 46.03 11.54
N ARG C 17 9.46 44.73 11.73
CA ARG C 17 9.14 43.76 10.70
C ARG C 17 7.65 43.63 10.44
N SER C 18 6.82 44.00 11.40
CA SER C 18 5.38 44.06 11.19
C SER C 18 4.98 45.17 10.24
N SER C 19 5.87 46.13 9.97
CA SER C 19 5.62 47.13 8.95
C SER C 19 6.32 46.82 7.64
N ARG C 20 7.36 46.00 7.66
CA ARG C 20 7.96 45.55 6.40
C ARG C 20 7.07 44.55 5.70
N ALA C 21 6.55 43.57 6.44
CA ALA C 21 5.69 42.58 5.81
C ALA C 21 4.31 43.12 5.51
N GLY C 22 3.91 44.21 6.16
CA GLY C 22 2.57 44.72 5.98
C GLY C 22 1.53 43.86 6.66
N LEU C 23 1.67 43.67 7.97
CA LEU C 23 0.79 42.80 8.72
C LEU C 23 0.06 43.57 9.79
N GLN C 24 -0.63 42.84 10.64
CA GLN C 24 -1.18 43.34 11.88
C GLN C 24 -0.72 42.57 13.10
N PHE C 25 -0.59 41.26 13.01
CA PHE C 25 -0.01 40.41 14.03
C PHE C 25 1.51 40.58 14.06
N PRO C 26 2.15 40.37 15.22
CA PRO C 26 3.57 40.71 15.32
C PRO C 26 4.43 39.64 14.67
N VAL C 27 5.73 39.90 14.66
CA VAL C 27 6.69 38.96 14.13
C VAL C 27 7.72 38.56 15.19
N GLY C 28 8.23 39.54 15.94
CA GLY C 28 9.28 39.25 16.91
C GLY C 28 8.83 38.32 18.02
N ARG C 29 7.56 38.38 18.39
CA ARG C 29 7.05 37.49 19.43
C ARG C 29 6.94 36.07 18.92
N VAL C 30 6.53 35.89 17.66
CA VAL C 30 6.49 34.54 17.11
C VAL C 30 7.89 34.00 16.89
N HIS C 31 8.86 34.87 16.59
CA HIS C 31 10.23 34.40 16.43
C HIS C 31 10.81 33.99 17.77
N ARG C 32 10.46 34.69 18.83
CA ARG C 32 10.89 34.26 20.17
C ARG C 32 10.22 32.96 20.57
N LEU C 33 8.94 32.80 20.26
CA LEU C 33 8.29 31.56 20.66
C LEU C 33 8.60 30.40 19.73
N LEU C 34 9.29 30.62 18.62
CA LEU C 34 9.87 29.49 17.92
C LEU C 34 11.29 29.18 18.38
N ARG C 35 12.09 30.16 18.76
CA ARG C 35 13.45 29.82 19.14
C ARG C 35 13.69 29.64 20.63
N LYS C 36 12.64 29.80 21.43
CA LYS C 36 12.79 29.63 22.87
C LYS C 36 11.70 28.72 23.38
N GLY C 37 11.22 27.85 22.51
CA GLY C 37 10.18 26.90 22.86
C GLY C 37 10.63 25.52 22.43
N ASN C 38 11.80 25.44 21.85
CA ASN C 38 12.35 24.16 21.39
C ASN C 38 11.39 23.43 20.47
N TYR C 39 11.11 24.05 19.33
CA TYR C 39 10.49 23.32 18.24
C TYR C 39 11.51 22.83 17.25
N ALA C 40 12.65 23.51 17.13
CA ALA C 40 13.80 22.97 16.44
C ALA C 40 15.04 23.68 16.98
N GLU C 41 16.20 23.31 16.43
CA GLU C 41 17.43 23.91 16.89
C GLU C 41 17.64 25.29 16.26
N ARG C 42 17.60 25.37 14.94
CA ARG C 42 17.83 26.60 14.23
C ARG C 42 16.53 27.02 13.57
N VAL C 43 16.20 28.30 13.61
CA VAL C 43 14.98 28.82 13.02
C VAL C 43 15.34 29.73 11.87
N GLY C 44 14.82 29.43 10.69
CA GLY C 44 15.07 30.28 9.54
C GLY C 44 14.42 31.63 9.68
N ALA C 45 15.01 32.63 9.06
CA ALA C 45 14.52 33.99 9.23
C ALA C 45 13.25 34.26 8.43
N GLY C 46 12.90 33.39 7.49
CA GLY C 46 11.70 33.57 6.72
C GLY C 46 10.45 33.04 7.40
N ALA C 47 10.62 32.12 8.35
CA ALA C 47 9.46 31.41 8.91
C ALA C 47 8.49 32.24 9.76
N PRO C 48 8.89 33.14 10.66
CA PRO C 48 7.86 33.80 11.47
C PRO C 48 6.97 34.76 10.70
N VAL C 49 7.43 35.29 9.58
CA VAL C 49 6.56 36.13 8.75
C VAL C 49 5.41 35.31 8.18
N TYR C 50 5.74 34.14 7.64
CA TYR C 50 4.73 33.25 7.08
C TYR C 50 3.76 32.78 8.16
N LEU C 51 4.29 32.45 9.34
CA LEU C 51 3.42 31.95 10.40
C LEU C 51 2.51 33.04 10.95
N ALA C 52 3.02 34.27 11.08
CA ALA C 52 2.18 35.36 11.54
C ALA C 52 1.10 35.70 10.54
N ALA C 53 1.41 35.59 9.24
CA ALA C 53 0.39 35.86 8.24
C ALA C 53 -0.73 34.81 8.28
N VAL C 54 -0.39 33.54 8.51
CA VAL C 54 -1.42 32.52 8.55
C VAL C 54 -2.31 32.68 9.78
N LEU C 55 -1.72 33.01 10.95
CA LEU C 55 -2.56 33.27 12.12
C LEU C 55 -3.45 34.49 11.94
N GLU C 56 -2.97 35.51 11.20
CA GLU C 56 -3.81 36.65 10.89
C GLU C 56 -4.97 36.25 10.00
N TYR C 57 -4.74 35.37 9.03
CA TYR C 57 -5.82 34.97 8.14
C TYR C 57 -6.94 34.24 8.88
N LEU C 58 -6.58 33.30 9.75
CA LEU C 58 -7.62 32.56 10.47
C LEU C 58 -8.38 33.44 11.45
N THR C 59 -7.68 34.37 12.12
CA THR C 59 -8.37 35.30 13.02
C THR C 59 -9.30 36.23 12.25
N ALA C 60 -8.88 36.65 11.04
CA ALA C 60 -9.73 37.54 10.24
C ALA C 60 -10.98 36.82 9.77
N GLU C 61 -10.88 35.54 9.44
CA GLU C 61 -12.05 34.79 9.03
C GLU C 61 -13.06 34.65 10.15
N ILE C 62 -12.60 34.25 11.34
CA ILE C 62 -13.57 34.03 12.41
C ILE C 62 -14.16 35.33 12.92
N LEU C 63 -13.40 36.43 12.91
CA LEU C 63 -14.00 37.68 13.35
C LEU C 63 -14.94 38.28 12.30
N GLU C 64 -14.69 38.06 11.00
CA GLU C 64 -15.64 38.52 9.98
C GLU C 64 -16.98 37.78 10.08
N LEU C 65 -16.93 36.44 10.20
CA LEU C 65 -18.16 35.67 10.33
C LEU C 65 -18.88 35.99 11.64
N ALA C 66 -18.12 36.23 12.71
CA ALA C 66 -18.73 36.58 13.98
C ALA C 66 -19.37 37.95 13.94
N GLY C 67 -18.80 38.88 13.18
CA GLY C 67 -19.42 40.18 13.02
C GLY C 67 -20.75 40.10 12.32
N ASN C 68 -20.85 39.29 11.26
CA ASN C 68 -22.15 39.09 10.62
C ASN C 68 -23.14 38.40 11.56
N ALA C 69 -22.71 37.38 12.30
CA ALA C 69 -23.66 36.68 13.14
C ALA C 69 -24.10 37.52 14.33
N ALA C 70 -23.26 38.45 14.79
CA ALA C 70 -23.67 39.36 15.83
C ALA C 70 -24.60 40.44 15.31
N ARG C 71 -24.38 40.90 14.08
CA ARG C 71 -25.27 41.89 13.49
C ARG C 71 -26.63 41.29 13.19
N ASP C 72 -26.72 39.97 12.99
CA ASP C 72 -28.01 39.34 12.79
C ASP C 72 -28.91 39.33 14.03
N ASN C 73 -28.39 39.64 15.22
CA ASN C 73 -29.25 39.82 16.39
C ASN C 73 -29.24 41.25 16.90
N LYS C 74 -28.57 42.15 16.19
CA LYS C 74 -28.62 43.60 16.42
C LYS C 74 -28.05 44.00 17.78
N LYS C 75 -26.84 43.53 18.06
CA LYS C 75 -26.03 44.04 19.16
C LYS C 75 -24.67 44.43 18.60
N THR C 76 -23.84 45.04 19.44
CA THR C 76 -22.57 45.58 18.98
C THR C 76 -21.35 44.90 19.56
N ARG C 77 -21.49 44.12 20.63
CA ARG C 77 -20.35 43.48 21.28
C ARG C 77 -20.45 41.97 21.13
N ILE C 78 -19.42 41.38 20.52
CA ILE C 78 -19.40 39.96 20.23
C ILE C 78 -19.20 39.18 21.53
N ILE C 79 -20.06 38.18 21.75
CA ILE C 79 -20.05 37.37 22.98
C ILE C 79 -20.06 35.90 22.56
N PRO C 80 -19.57 34.95 23.38
CA PRO C 80 -19.22 33.63 22.85
C PRO C 80 -20.36 32.78 22.32
N ARG C 81 -21.60 33.14 22.60
CA ARG C 81 -22.73 32.61 21.85
C ARG C 81 -22.56 32.88 20.36
N HIS C 82 -22.10 34.07 20.02
CA HIS C 82 -21.94 34.42 18.62
C HIS C 82 -20.75 33.70 18.00
N LEU C 83 -19.67 33.47 18.75
CA LEU C 83 -18.58 32.68 18.22
C LEU C 83 -18.98 31.22 18.06
N GLN C 84 -19.83 30.71 18.95
CA GLN C 84 -20.32 29.34 18.81
C GLN C 84 -21.13 29.18 17.54
N LEU C 85 -22.02 30.13 17.26
CA LEU C 85 -22.82 30.02 16.04
C LEU C 85 -21.99 30.29 14.79
N ALA C 86 -21.03 31.21 14.87
CA ALA C 86 -20.23 31.54 13.70
C ALA C 86 -19.22 30.45 13.39
N VAL C 87 -18.76 29.71 14.39
CA VAL C 87 -17.92 28.56 14.08
C VAL C 87 -18.77 27.40 13.58
N ARG C 88 -19.90 27.12 14.23
CA ARG C 88 -20.59 25.88 13.90
C ARG C 88 -21.43 25.95 12.64
N ASN C 89 -21.87 27.12 12.18
CA ASN C 89 -22.65 27.12 10.94
C ASN C 89 -21.78 26.88 9.72
N ASP C 90 -20.62 27.52 9.65
CA ASP C 90 -19.74 27.31 8.52
C ASP C 90 -19.03 25.97 8.62
N GLU C 91 -18.97 25.25 7.49
CA GLU C 91 -18.61 23.84 7.56
C GLU C 91 -17.10 23.61 7.65
N GLU C 92 -16.30 24.49 7.07
CA GLU C 92 -14.85 24.30 7.03
C GLU C 92 -14.21 24.60 8.38
N LEU C 93 -14.64 25.68 9.03
CA LEU C 93 -14.20 25.94 10.39
C LEU C 93 -14.72 24.90 11.36
N ASN C 94 -15.91 24.35 11.10
CA ASN C 94 -16.42 23.25 11.92
C ASN C 94 -15.57 22.01 11.74
N LYS C 95 -15.01 21.80 10.55
CA LYS C 95 -14.07 20.70 10.38
C LYS C 95 -12.78 20.95 11.14
N LEU C 96 -12.33 22.21 11.19
CA LEU C 96 -11.09 22.51 11.90
C LEU C 96 -11.25 22.36 13.42
N LEU C 97 -12.34 22.89 13.97
CA LEU C 97 -12.54 22.95 15.42
C LEU C 97 -13.55 21.92 15.91
N GLY C 98 -13.48 20.69 15.38
CA GLY C 98 -14.52 19.72 15.68
C GLY C 98 -14.53 19.18 17.09
N ARG C 99 -13.43 19.36 17.82
CA ARG C 99 -13.32 18.84 19.17
C ARG C 99 -13.43 19.90 20.24
N VAL C 100 -13.37 21.18 19.88
CA VAL C 100 -13.23 22.26 20.84
C VAL C 100 -14.53 22.50 21.58
N THR C 101 -14.48 22.53 22.90
CA THR C 101 -15.59 22.96 23.73
C THR C 101 -15.39 24.41 24.10
N ILE C 102 -16.30 25.27 23.67
CA ILE C 102 -16.23 26.70 23.97
C ILE C 102 -17.06 26.97 25.19
N ALA C 103 -16.46 27.59 26.20
CA ALA C 103 -17.19 27.92 27.42
C ALA C 103 -18.22 28.99 27.16
N GLN C 104 -19.27 29.01 27.99
CA GLN C 104 -20.48 29.81 27.77
C GLN C 104 -21.05 29.54 26.38
N GLY C 105 -21.11 28.26 26.03
CA GLY C 105 -21.21 27.89 24.63
C GLY C 105 -22.51 28.17 23.92
N GLY C 106 -23.54 27.43 24.24
CA GLY C 106 -24.72 27.39 23.42
C GLY C 106 -24.62 26.33 22.33
N VAL C 107 -25.78 25.98 21.79
CA VAL C 107 -25.90 24.92 20.80
C VAL C 107 -26.59 25.51 19.59
N LEU C 108 -26.27 24.99 18.41
CA LEU C 108 -27.08 25.23 17.23
C LEU C 108 -28.51 24.78 17.47
N PRO C 109 -29.50 25.55 17.08
CA PRO C 109 -30.88 25.08 17.20
C PRO C 109 -31.19 24.01 16.16
N ASN C 110 -31.30 22.76 16.61
CA ASN C 110 -31.55 21.64 15.72
C ASN C 110 -32.59 20.73 16.36
N ILE C 111 -33.73 20.58 15.70
CA ILE C 111 -34.79 19.68 16.10
C ILE C 111 -34.87 18.57 15.06
N GLN C 112 -35.04 17.33 15.51
CA GLN C 112 -35.05 16.22 14.58
C GLN C 112 -36.36 16.18 13.80
N SER C 113 -36.43 15.25 12.86
CA SER C 113 -37.49 15.31 11.85
C SER C 113 -38.78 14.65 12.32
N VAL C 114 -38.70 13.61 13.15
CA VAL C 114 -39.90 12.90 13.57
C VAL C 114 -40.52 13.47 14.84
N LEU C 115 -39.81 14.35 15.56
CA LEU C 115 -40.34 14.87 16.80
C LEU C 115 -41.35 15.98 16.58
N LEU C 116 -41.40 16.54 15.38
CA LEU C 116 -42.41 17.54 15.05
C LEU C 116 -43.79 16.89 15.05
N PRO C 117 -44.83 17.62 15.45
CA PRO C 117 -46.13 16.98 15.67
C PRO C 117 -46.79 16.53 14.37
N LYS C 118 -47.49 15.41 14.46
CA LYS C 118 -48.14 14.82 13.30
C LYS C 118 -49.41 15.58 12.94
N THR D 29 4.33 40.73 37.30
CA THR D 29 4.64 39.86 36.18
C THR D 29 3.70 40.09 35.01
N ARG D 30 4.26 40.49 33.88
CA ARG D 30 3.48 40.63 32.66
C ARG D 30 3.27 39.27 32.00
N LYS D 31 2.14 39.13 31.31
CA LYS D 31 1.81 37.89 30.61
C LYS D 31 1.62 38.17 29.13
N GLU D 32 2.09 37.27 28.29
CA GLU D 32 1.97 37.43 26.84
C GLU D 32 0.65 36.92 26.28
N SER D 33 -0.22 37.85 25.91
CA SER D 33 -1.52 37.51 25.37
C SER D 33 -1.60 37.98 23.93
N TYR D 34 -2.81 38.30 23.47
CA TYR D 34 -2.94 38.82 22.12
C TYR D 34 -4.22 39.62 22.01
N ALA D 35 -4.48 40.47 23.01
CA ALA D 35 -5.70 41.26 22.98
C ALA D 35 -5.62 42.36 21.96
N ILE D 36 -4.53 43.13 21.96
CA ILE D 36 -4.48 44.33 21.15
C ILE D 36 -4.33 43.99 19.67
N TYR D 37 -3.78 42.82 19.37
CA TYR D 37 -3.54 42.43 17.98
C TYR D 37 -4.83 41.97 17.32
N VAL D 38 -5.58 41.12 18.01
CA VAL D 38 -6.94 40.77 17.59
C VAL D 38 -7.82 42.00 17.51
N TYR D 39 -7.61 42.95 18.42
CA TYR D 39 -8.42 44.16 18.41
C TYR D 39 -8.13 45.03 17.20
N LYS D 40 -6.86 45.05 16.75
CA LYS D 40 -6.56 45.77 15.51
C LYS D 40 -7.20 45.10 14.30
N VAL D 41 -7.14 43.76 14.24
CA VAL D 41 -7.75 43.04 13.11
C VAL D 41 -9.26 43.27 13.09
N LEU D 42 -9.88 43.28 14.27
CA LEU D 42 -11.31 43.53 14.37
C LEU D 42 -11.67 44.93 13.90
N LYS D 43 -10.86 45.93 14.25
CA LYS D 43 -11.19 47.26 13.78
C LYS D 43 -10.92 47.45 12.30
N GLN D 44 -10.08 46.61 11.69
CA GLN D 44 -10.05 46.61 10.22
C GLN D 44 -11.34 46.05 9.64
N VAL D 45 -11.77 44.87 10.12
CA VAL D 45 -12.79 44.11 9.38
C VAL D 45 -14.18 44.73 9.52
N HIS D 46 -14.70 44.80 10.73
CA HIS D 46 -15.97 45.50 10.97
C HIS D 46 -15.69 46.77 11.76
N PRO D 47 -15.87 47.96 11.16
CA PRO D 47 -15.30 49.18 11.76
C PRO D 47 -16.02 49.71 12.99
N ASP D 48 -17.16 49.15 13.37
CA ASP D 48 -17.93 49.68 14.49
C ASP D 48 -18.39 48.56 15.42
N THR D 49 -17.48 47.69 15.82
CA THR D 49 -17.82 46.52 16.62
C THR D 49 -16.94 46.44 17.85
N GLY D 50 -17.57 46.36 19.02
CA GLY D 50 -16.84 46.09 20.24
C GLY D 50 -16.73 44.60 20.48
N ILE D 51 -15.95 44.24 21.49
CA ILE D 51 -15.77 42.82 21.79
C ILE D 51 -15.61 42.64 23.29
N SER D 52 -16.37 41.69 23.84
CA SER D 52 -16.38 41.48 25.28
C SER D 52 -15.17 40.69 25.72
N SER D 53 -15.02 40.54 27.04
CA SER D 53 -13.76 40.06 27.59
C SER D 53 -13.57 38.56 27.42
N LYS D 54 -14.63 37.78 27.64
CA LYS D 54 -14.52 36.33 27.45
C LYS D 54 -14.27 35.97 26.00
N ALA D 55 -14.78 36.77 25.07
CA ALA D 55 -14.44 36.57 23.67
C ALA D 55 -12.97 36.85 23.41
N MET D 56 -12.40 37.81 24.13
CA MET D 56 -10.98 38.09 23.96
C MET D 56 -10.14 36.96 24.50
N SER D 57 -10.57 36.35 25.60
CA SER D 57 -9.84 35.19 26.12
C SER D 57 -9.97 33.98 25.19
N ILE D 58 -11.13 33.81 24.55
CA ILE D 58 -11.27 32.72 23.58
C ILE D 58 -10.38 32.93 22.38
N MET D 59 -10.30 34.17 21.86
CA MET D 59 -9.42 34.38 20.71
C MET D 59 -7.94 34.26 21.09
N ASN D 60 -7.59 34.60 22.34
CA ASN D 60 -6.25 34.32 22.84
C ASN D 60 -5.94 32.83 22.81
N SER D 61 -6.84 32.01 23.36
CA SER D 61 -6.57 30.58 23.38
C SER D 61 -6.65 29.96 22.01
N PHE D 62 -7.42 30.56 21.10
CA PHE D 62 -7.49 30.05 19.74
C PHE D 62 -6.20 30.29 18.99
N VAL D 63 -5.62 31.48 19.12
CA VAL D 63 -4.38 31.75 18.41
C VAL D 63 -3.24 30.92 19.00
N ASN D 64 -3.23 30.73 20.32
CA ASN D 64 -2.21 29.85 20.91
C ASN D 64 -2.37 28.40 20.45
N ASP D 65 -3.61 27.92 20.28
CA ASP D 65 -3.81 26.54 19.86
C ASP D 65 -3.36 26.33 18.42
N VAL D 66 -3.71 27.25 17.52
CA VAL D 66 -3.32 27.06 16.12
C VAL D 66 -1.81 27.22 15.95
N PHE D 67 -1.19 28.08 16.76
CA PHE D 67 0.26 28.18 16.79
C PHE D 67 0.91 26.87 17.19
N GLU D 68 0.40 26.23 18.24
CA GLU D 68 1.04 24.99 18.68
C GLU D 68 0.82 23.85 17.70
N ARG D 69 -0.32 23.82 17.00
CA ARG D 69 -0.51 22.78 15.99
C ARG D 69 0.45 22.94 14.82
N ILE D 70 0.58 24.17 14.29
CA ILE D 70 1.45 24.37 13.12
C ILE D 70 2.91 24.17 13.49
N ALA D 71 3.34 24.66 14.64
CA ALA D 71 4.73 24.45 15.03
C ALA D 71 5.02 22.98 15.32
N GLY D 72 4.07 22.23 15.85
CA GLY D 72 4.30 20.81 16.07
C GLY D 72 4.46 20.04 14.78
N GLU D 73 3.57 20.29 13.81
CA GLU D 73 3.67 19.58 12.54
C GLU D 73 4.93 19.97 11.77
N ALA D 74 5.33 21.24 11.84
CA ALA D 74 6.56 21.63 11.16
C ALA D 74 7.78 21.07 11.85
N SER D 75 7.75 20.94 13.18
CA SER D 75 8.88 20.38 13.91
C SER D 75 9.11 18.93 13.54
N ARG D 76 8.06 18.12 13.56
CA ARG D 76 8.35 16.74 13.22
C ARG D 76 8.40 16.49 11.71
N LEU D 77 7.95 17.44 10.88
CA LEU D 77 8.34 17.41 9.47
C LEU D 77 9.83 17.58 9.30
N ALA D 78 10.41 18.57 9.95
CA ALA D 78 11.84 18.79 9.75
C ALA D 78 12.68 17.79 10.51
N HIS D 79 12.11 17.05 11.45
CA HIS D 79 12.85 15.94 12.03
C HIS D 79 12.73 14.66 11.23
N TYR D 80 11.63 14.45 10.50
CA TYR D 80 11.52 13.23 9.70
C TYR D 80 12.48 13.20 8.53
N ASN D 81 12.76 14.35 7.92
CA ASN D 81 13.66 14.38 6.77
C ASN D 81 15.12 14.46 7.17
N LYS D 82 15.43 14.30 8.45
CA LYS D 82 16.76 14.37 9.03
C LYS D 82 17.41 15.74 8.84
N ARG D 83 16.63 16.77 8.57
CA ARG D 83 17.18 18.11 8.53
C ARG D 83 17.10 18.71 9.93
N SER D 84 17.43 20.00 10.07
CA SER D 84 17.54 20.55 11.40
C SER D 84 17.05 21.99 11.53
N THR D 85 16.28 22.50 10.58
CA THR D 85 15.94 23.92 10.59
C THR D 85 14.56 24.15 10.01
N ILE D 86 13.68 24.75 10.81
CA ILE D 86 12.38 25.18 10.31
C ILE D 86 12.57 26.38 9.39
N THR D 87 12.37 26.17 8.09
CA THR D 87 12.36 27.25 7.13
C THR D 87 10.94 27.77 7.00
N SER D 88 10.67 28.57 5.97
CA SER D 88 9.28 28.88 5.67
C SER D 88 8.60 27.72 4.95
N ARG D 89 9.39 26.84 4.36
CA ARG D 89 8.85 25.81 3.49
C ARG D 89 8.14 24.72 4.29
N GLU D 90 8.69 24.34 5.44
CA GLU D 90 7.98 23.41 6.29
C GLU D 90 6.74 24.03 6.90
N ILE D 91 6.72 25.34 7.09
CA ILE D 91 5.52 26.00 7.56
C ILE D 91 4.44 25.92 6.50
N GLN D 92 4.81 26.08 5.23
CA GLN D 92 3.85 25.94 4.14
C GLN D 92 3.33 24.52 4.04
N THR D 93 4.19 23.52 4.24
CA THR D 93 3.69 22.15 4.20
C THR D 93 2.84 21.82 5.42
N ALA D 94 3.14 22.42 6.58
CA ALA D 94 2.29 22.18 7.74
C ALA D 94 0.92 22.79 7.56
N VAL D 95 0.85 23.95 6.91
CA VAL D 95 -0.43 24.60 6.67
C VAL D 95 -1.23 23.84 5.62
N ARG D 96 -0.56 23.30 4.59
CA ARG D 96 -1.28 22.48 3.63
C ARG D 96 -1.72 21.13 4.21
N LEU D 97 -1.11 20.67 5.30
CA LEU D 97 -1.60 19.46 5.93
C LEU D 97 -2.74 19.73 6.91
N LEU D 98 -2.67 20.80 7.70
CA LEU D 98 -3.66 20.96 8.76
C LEU D 98 -4.95 21.59 8.26
N LEU D 99 -4.88 22.77 7.67
CA LEU D 99 -6.07 23.52 7.33
C LEU D 99 -6.83 22.83 6.20
N PRO D 100 -8.11 22.55 6.37
CA PRO D 100 -8.85 21.74 5.39
C PRO D 100 -9.53 22.60 4.34
N GLY D 101 -9.80 21.98 3.20
CA GLY D 101 -10.71 22.54 2.23
C GLY D 101 -10.17 23.78 1.54
N GLU D 102 -11.02 24.78 1.42
CA GLU D 102 -10.65 26.01 0.75
C GLU D 102 -9.97 27.01 1.68
N LEU D 103 -9.58 26.59 2.87
CA LEU D 103 -8.74 27.47 3.67
C LEU D 103 -7.28 27.35 3.29
N ALA D 104 -6.89 26.21 2.72
CA ALA D 104 -5.49 25.98 2.38
C ALA D 104 -5.04 26.92 1.29
N LYS D 105 -5.86 27.12 0.26
CA LYS D 105 -5.46 27.96 -0.85
C LYS D 105 -5.35 29.42 -0.45
N HIS D 106 -6.32 29.92 0.33
CA HIS D 106 -6.25 31.30 0.79
C HIS D 106 -5.11 31.50 1.78
N ALA D 107 -4.83 30.50 2.63
CA ALA D 107 -3.77 30.66 3.62
C ALA D 107 -2.40 30.65 2.97
N VAL D 108 -2.16 29.72 2.05
CA VAL D 108 -0.89 29.67 1.34
C VAL D 108 -0.70 30.92 0.49
N SER D 109 -1.78 31.44 -0.10
CA SER D 109 -1.65 32.66 -0.90
C SER D 109 -1.31 33.87 -0.06
N GLU D 110 -1.96 34.01 1.12
CA GLU D 110 -1.61 35.09 2.05
C GLU D 110 -0.16 35.01 2.50
N GLY D 111 0.30 33.80 2.81
CA GLY D 111 1.67 33.67 3.27
C GLY D 111 2.70 33.98 2.21
N THR D 112 2.48 33.50 0.99
CA THR D 112 3.43 33.77 -0.09
C THR D 112 3.45 35.24 -0.45
N LYS D 113 2.29 35.91 -0.40
CA LYS D 113 2.27 37.34 -0.64
C LYS D 113 3.02 38.11 0.43
N ALA D 114 2.90 37.68 1.69
CA ALA D 114 3.62 38.36 2.78
C ALA D 114 5.11 38.19 2.67
N VAL D 115 5.59 36.98 2.39
CA VAL D 115 7.03 36.76 2.34
C VAL D 115 7.64 37.40 1.09
N THR D 116 6.92 37.35 -0.04
CA THR D 116 7.43 37.95 -1.27
C THR D 116 7.48 39.47 -1.17
N LYS D 117 6.50 40.09 -0.50
CA LYS D 117 6.64 41.52 -0.22
C LYS D 117 7.75 41.79 0.79
N TYR D 118 8.04 40.83 1.68
CA TYR D 118 9.08 41.04 2.68
C TYR D 118 10.47 41.02 2.06
N THR D 119 10.69 40.18 1.06
CA THR D 119 12.03 40.03 0.49
C THR D 119 12.44 41.28 -0.29
N SER D 120 11.48 41.94 -0.95
CA SER D 120 11.77 43.15 -1.71
C SER D 120 12.13 44.34 -0.83
N ALA D 121 11.87 44.27 0.47
CA ALA D 121 12.32 45.31 1.38
C ALA D 121 13.30 44.73 2.38
N ARG E 40 -55.84 23.10 29.01
CA ARG E 40 -54.58 22.42 29.25
C ARG E 40 -53.71 22.45 28.00
N TYR E 41 -52.88 21.43 27.86
CA TYR E 41 -52.06 21.20 26.69
C TYR E 41 -52.00 19.71 26.39
N ARG E 42 -51.79 19.38 25.13
CA ARG E 42 -51.57 17.99 24.79
C ARG E 42 -50.21 17.52 25.30
N PRO E 43 -50.08 16.26 25.64
CA PRO E 43 -48.75 15.73 26.01
C PRO E 43 -47.82 15.69 24.81
N GLY E 44 -46.87 16.62 24.77
CA GLY E 44 -46.02 16.79 23.61
C GLY E 44 -45.97 18.21 23.11
N THR E 45 -46.31 19.16 23.99
CA THR E 45 -46.26 20.59 23.65
C THR E 45 -45.27 21.35 24.51
N VAL E 46 -45.33 21.14 25.82
CA VAL E 46 -44.38 21.77 26.74
C VAL E 46 -42.97 21.26 26.47
N ALA E 47 -42.85 20.04 25.94
CA ALA E 47 -41.55 19.53 25.53
C ALA E 47 -40.92 20.37 24.43
N LEU E 48 -41.68 20.71 23.39
CA LEU E 48 -41.07 21.49 22.33
C LEU E 48 -40.89 22.95 22.72
N ARG E 49 -41.75 23.48 23.61
CA ARG E 49 -41.50 24.82 24.11
C ARG E 49 -40.22 24.86 24.95
N GLU E 50 -39.99 23.85 25.76
CA GLU E 50 -38.75 23.81 26.54
C GLU E 50 -37.53 23.57 25.67
N ILE E 51 -37.66 22.79 24.59
CA ILE E 51 -36.54 22.60 23.67
C ILE E 51 -36.13 23.92 23.03
N ARG E 52 -37.11 24.72 22.62
CA ARG E 52 -36.75 26.01 22.02
C ARG E 52 -36.17 26.96 23.07
N ARG E 53 -36.71 26.94 24.28
CA ARG E 53 -36.19 27.79 25.35
C ARG E 53 -34.77 27.42 25.75
N TYR E 54 -34.42 26.14 25.69
CA TYR E 54 -33.11 25.71 26.14
C TYR E 54 -32.07 25.63 25.03
N GLN E 55 -32.47 25.37 23.79
CA GLN E 55 -31.53 25.54 22.69
C GLN E 55 -31.37 26.99 22.29
N LYS E 56 -32.14 27.91 22.88
CA LYS E 56 -31.87 29.32 22.66
C LYS E 56 -30.78 29.85 23.60
N SER E 57 -30.92 29.65 24.91
CA SER E 57 -30.12 30.37 25.88
C SER E 57 -28.85 29.61 26.26
N THR E 58 -27.99 30.26 27.06
CA THR E 58 -26.61 29.84 27.25
C THR E 58 -26.19 29.64 28.70
N GLU E 59 -27.11 29.54 29.66
CA GLU E 59 -26.72 29.52 31.06
C GLU E 59 -26.16 28.14 31.44
N LEU E 60 -25.89 27.94 32.72
CA LEU E 60 -25.51 26.62 33.19
C LEU E 60 -26.73 25.92 33.80
N LEU E 61 -26.80 24.60 33.60
CA LEU E 61 -28.02 23.87 33.85
C LEU E 61 -27.95 22.97 35.07
N ILE E 62 -26.85 22.98 35.80
CA ILE E 62 -26.71 22.25 37.04
C ILE E 62 -26.48 23.29 38.13
N ARG E 63 -27.06 23.07 39.31
CA ARG E 63 -26.86 23.96 40.44
C ARG E 63 -25.41 23.95 40.89
N LYS E 64 -24.96 25.07 41.46
CA LYS E 64 -23.54 25.24 41.76
C LYS E 64 -23.11 24.35 42.91
N LEU E 65 -23.70 24.55 44.09
CA LEU E 65 -23.21 23.87 45.28
C LEU E 65 -23.34 22.35 45.29
N PRO E 66 -24.39 21.70 44.75
CA PRO E 66 -24.32 20.24 44.65
C PRO E 66 -23.24 19.75 43.72
N PHE E 67 -22.98 20.45 42.62
CA PHE E 67 -21.90 20.02 41.75
C PHE E 67 -20.55 20.23 42.39
N GLN E 68 -20.38 21.30 43.16
CA GLN E 68 -19.10 21.55 43.79
C GLN E 68 -18.85 20.56 44.92
N ARG E 69 -19.90 20.17 45.64
CA ARG E 69 -19.68 19.14 46.65
C ARG E 69 -19.43 17.78 46.02
N LEU E 70 -19.99 17.53 44.83
CA LEU E 70 -19.65 16.32 44.09
C LEU E 70 -18.18 16.30 43.69
N VAL E 71 -17.67 17.45 43.26
CA VAL E 71 -16.27 17.54 42.85
C VAL E 71 -15.34 17.33 44.04
N ARG E 72 -15.66 17.90 45.19
CA ARG E 72 -14.81 17.71 46.37
C ARG E 72 -14.87 16.28 46.89
N GLU E 73 -16.04 15.64 46.82
CA GLU E 73 -16.17 14.22 47.16
C GLU E 73 -15.26 13.34 46.31
N ILE E 74 -15.32 13.51 44.98
CA ILE E 74 -14.51 12.65 44.11
C ILE E 74 -13.03 13.02 44.20
N ALA E 75 -12.72 14.27 44.53
CA ALA E 75 -11.32 14.64 44.66
C ALA E 75 -10.70 14.14 45.95
N GLN E 76 -11.47 13.95 47.02
CA GLN E 76 -10.84 13.53 48.27
C GLN E 76 -10.63 12.04 48.38
N ASP E 77 -10.50 11.29 47.28
CA ASP E 77 -10.01 9.93 47.35
C ASP E 77 -8.66 9.76 46.69
N PHE E 78 -8.07 10.83 46.15
CA PHE E 78 -6.79 10.77 45.46
C PHE E 78 -5.70 11.52 46.21
N LYS E 79 -6.03 12.67 46.76
CA LYS E 79 -5.23 13.36 47.76
C LYS E 79 -6.14 14.06 48.74
N THR E 80 -5.84 13.97 50.02
CA THR E 80 -6.66 14.63 51.01
C THR E 80 -6.22 16.08 51.17
N ASP E 81 -7.17 16.92 51.59
CA ASP E 81 -7.00 18.38 51.75
C ASP E 81 -6.54 19.05 50.46
N LEU E 82 -7.41 19.05 49.47
CA LEU E 82 -7.18 19.84 48.28
C LEU E 82 -7.93 21.16 48.36
N ARG E 83 -7.49 22.11 47.54
CA ARG E 83 -8.21 23.36 47.40
C ARG E 83 -8.46 23.63 45.94
N PHE E 84 -9.56 24.31 45.66
CA PHE E 84 -10.04 24.56 44.31
C PHE E 84 -10.17 26.06 44.09
N GLN E 85 -9.47 26.58 43.09
CA GLN E 85 -9.84 27.88 42.56
C GLN E 85 -11.24 27.80 41.97
N SER E 86 -11.97 28.91 42.06
CA SER E 86 -13.37 28.92 41.65
C SER E 86 -13.53 28.72 40.15
N SER E 87 -12.56 29.22 39.38
CA SER E 87 -12.59 28.96 37.95
C SER E 87 -12.32 27.50 37.61
N ALA E 88 -11.70 26.72 38.50
CA ALA E 88 -11.55 25.30 38.23
C ALA E 88 -12.88 24.57 38.35
N VAL E 89 -13.68 24.94 39.35
CA VAL E 89 -15.01 24.37 39.47
C VAL E 89 -15.89 24.79 38.30
N MET E 90 -15.74 26.03 37.82
CA MET E 90 -16.45 26.44 36.62
C MET E 90 -16.01 25.65 35.39
N ALA E 91 -14.72 25.32 35.29
CA ALA E 91 -14.23 24.58 34.14
C ALA E 91 -14.76 23.16 34.13
N LEU E 92 -14.79 22.52 35.30
CA LEU E 92 -15.36 21.18 35.36
C LEU E 92 -16.85 21.18 35.07
N GLN E 93 -17.58 22.20 35.50
CA GLN E 93 -19.01 22.24 35.21
C GLN E 93 -19.25 22.44 33.71
N GLU E 94 -18.40 23.24 33.06
CA GLU E 94 -18.59 23.44 31.63
C GLU E 94 -18.24 22.20 30.83
N ALA E 95 -17.19 21.49 31.23
CA ALA E 95 -16.81 20.28 30.52
C ALA E 95 -17.82 19.16 30.72
N SER E 96 -18.38 19.05 31.93
CA SER E 96 -19.39 18.02 32.17
C SER E 96 -20.69 18.30 31.43
N GLU E 97 -21.11 19.57 31.37
CA GLU E 97 -22.32 19.86 30.62
C GLU E 97 -22.12 19.61 29.13
N ALA E 98 -20.95 19.92 28.59
CA ALA E 98 -20.74 19.68 27.17
C ALA E 98 -20.68 18.19 26.86
N TYR E 99 -20.08 17.41 27.76
CA TYR E 99 -20.05 15.96 27.55
C TYR E 99 -21.44 15.36 27.57
N LEU E 100 -22.27 15.72 28.55
CA LEU E 100 -23.61 15.14 28.61
C LEU E 100 -24.52 15.60 27.48
N VAL E 101 -24.38 16.85 27.02
CA VAL E 101 -25.23 17.31 25.93
C VAL E 101 -24.88 16.61 24.63
N ALA E 102 -23.59 16.41 24.34
CA ALA E 102 -23.24 15.68 23.13
C ALA E 102 -23.67 14.22 23.21
N LEU E 103 -23.57 13.63 24.41
CA LEU E 103 -24.03 12.26 24.62
C LEU E 103 -25.52 12.11 24.36
N PHE E 104 -26.32 13.11 24.76
CA PHE E 104 -27.75 13.01 24.53
C PHE E 104 -28.17 13.29 23.09
N GLU E 105 -27.43 14.14 22.35
CA GLU E 105 -27.66 14.21 20.90
C GLU E 105 -27.48 12.85 20.24
N ASP E 106 -26.40 12.15 20.57
CA ASP E 106 -26.15 10.88 19.91
C ASP E 106 -27.11 9.78 20.37
N THR E 107 -27.55 9.85 21.62
CA THR E 107 -28.57 8.90 22.08
C THR E 107 -29.91 9.16 21.41
N ASN E 108 -30.25 10.43 21.15
CA ASN E 108 -31.48 10.72 20.40
C ASN E 108 -31.42 10.16 19.00
N LEU E 109 -30.24 10.25 18.37
CA LEU E 109 -30.09 9.65 17.04
C LEU E 109 -30.30 8.15 17.06
N CYS E 110 -29.79 7.47 18.09
CA CYS E 110 -30.02 6.02 18.18
C CYS E 110 -31.49 5.69 18.43
N ALA E 111 -32.17 6.46 19.27
CA ALA E 111 -33.54 6.12 19.59
C ALA E 111 -34.48 6.41 18.43
N ILE E 112 -34.17 7.43 17.62
CA ILE E 112 -34.96 7.65 16.41
C ILE E 112 -34.60 6.61 15.36
N HIS E 113 -33.39 6.05 15.41
CA HIS E 113 -33.06 4.92 14.56
C HIS E 113 -33.88 3.68 14.90
N ALA E 114 -34.15 3.45 16.19
CA ALA E 114 -34.82 2.22 16.56
C ALA E 114 -36.35 2.29 16.49
N LYS E 115 -36.89 3.20 15.68
CA LYS E 115 -38.33 3.42 15.49
C LYS E 115 -39.06 3.72 16.80
N ARG E 116 -38.52 4.67 17.56
CA ARG E 116 -39.14 5.16 18.77
C ARG E 116 -38.93 6.66 18.85
N VAL E 117 -39.43 7.27 19.92
CA VAL E 117 -39.13 8.66 20.25
C VAL E 117 -38.55 8.82 21.65
N THR E 118 -38.29 7.73 22.35
CA THR E 118 -37.98 7.75 23.77
C THR E 118 -36.63 7.10 24.03
N ILE E 119 -35.72 7.82 24.68
CA ILE E 119 -34.44 7.23 25.04
C ILE E 119 -34.63 6.27 26.20
N MET E 120 -33.84 5.21 26.22
CA MET E 120 -33.88 4.12 27.18
C MET E 120 -32.45 3.65 27.36
N PRO E 121 -32.09 3.08 28.53
CA PRO E 121 -30.66 2.91 28.87
C PRO E 121 -29.82 2.08 27.91
N LYS E 122 -30.43 1.17 27.15
CA LYS E 122 -29.66 0.47 26.13
C LYS E 122 -29.26 1.37 24.97
N ASP E 123 -29.95 2.50 24.78
CA ASP E 123 -29.49 3.47 23.79
C ASP E 123 -28.21 4.14 24.22
N ILE E 124 -28.10 4.54 25.49
CA ILE E 124 -26.87 5.14 25.98
C ILE E 124 -25.73 4.13 25.96
N GLN E 125 -26.02 2.88 26.35
CA GLN E 125 -24.97 1.86 26.35
C GLN E 125 -24.51 1.52 24.92
N LEU E 126 -25.42 1.57 23.95
CA LEU E 126 -25.00 1.49 22.55
C LEU E 126 -24.16 2.70 22.15
N ALA E 127 -24.60 3.91 22.49
CA ALA E 127 -23.90 5.11 22.03
C ALA E 127 -22.55 5.30 22.69
N ARG E 128 -22.27 4.58 23.76
CA ARG E 128 -20.90 4.54 24.27
C ARG E 128 -20.14 3.29 23.86
N ARG E 129 -20.82 2.25 23.39
CA ARG E 129 -20.09 1.14 22.80
C ARG E 129 -19.55 1.49 21.42
N ILE E 130 -20.27 2.31 20.64
CA ILE E 130 -19.83 2.67 19.30
C ILE E 130 -18.69 3.68 19.36
N ARG E 131 -18.78 4.65 20.25
CA ARG E 131 -17.82 5.76 20.27
C ARG E 131 -16.43 5.31 20.71
N GLY E 132 -16.34 4.26 21.50
CA GLY E 132 -15.05 3.77 21.92
C GLY E 132 -14.66 4.32 23.27
N GLU E 133 -15.57 4.20 24.24
CA GLU E 133 -15.32 4.73 25.58
C GLU E 133 -15.65 3.73 26.68
N ARG E 134 -16.11 2.53 26.34
CA ARG E 134 -16.57 1.58 27.36
C ARG E 134 -15.42 0.90 28.08
N ARG F 17 -7.02 21.27 58.58
CA ARG F 17 -7.57 21.11 59.92
C ARG F 17 -8.56 19.93 60.00
N HIS F 18 -9.75 20.12 59.44
CA HIS F 18 -10.81 19.14 59.49
C HIS F 18 -11.13 18.64 58.08
N ARG F 19 -11.89 17.55 58.01
CA ARG F 19 -12.31 16.99 56.73
C ARG F 19 -13.52 16.08 56.95
N LYS F 20 -14.44 16.10 56.00
CA LYS F 20 -15.63 15.25 56.06
C LYS F 20 -16.16 15.05 54.65
N VAL F 21 -16.76 13.88 54.42
CA VAL F 21 -17.43 13.54 53.18
C VAL F 21 -18.89 13.28 53.50
N LEU F 22 -19.80 13.96 52.81
CA LEU F 22 -21.17 14.10 53.28
C LEU F 22 -22.17 13.60 52.26
N ARG F 23 -23.27 13.02 52.77
CA ARG F 23 -24.60 12.92 52.17
C ARG F 23 -24.68 12.09 50.89
N ASP F 24 -23.57 11.52 50.40
CA ASP F 24 -23.48 10.76 49.14
C ASP F 24 -24.01 11.59 47.98
N ASN F 25 -23.26 12.65 47.67
CA ASN F 25 -23.69 13.77 46.84
C ASN F 25 -23.89 13.44 45.42
N ILE F 26 -23.94 12.21 44.91
CA ILE F 26 -24.28 12.04 43.49
C ILE F 26 -25.76 12.37 43.25
N GLN F 27 -26.58 12.39 44.30
CA GLN F 27 -27.97 12.82 44.20
C GLN F 27 -28.13 14.34 44.13
N GLY F 28 -27.06 15.08 43.85
CA GLY F 28 -27.19 16.50 43.52
C GLY F 28 -27.45 16.76 42.06
N ILE F 29 -27.14 15.80 41.20
CA ILE F 29 -27.52 15.92 39.80
C ILE F 29 -28.96 15.44 39.72
N THR F 30 -29.89 16.35 40.01
CA THR F 30 -31.25 15.96 40.30
C THR F 30 -32.02 15.66 39.03
N LYS F 31 -33.28 15.32 39.18
CA LYS F 31 -34.10 14.90 38.05
C LYS F 31 -34.45 16.04 37.09
N PRO F 32 -34.87 17.25 37.53
CA PRO F 32 -35.02 18.32 36.54
C PRO F 32 -33.71 18.82 35.94
N ALA F 33 -32.57 18.61 36.60
CA ALA F 33 -31.32 19.00 35.96
C ALA F 33 -30.96 18.07 34.81
N ILE F 34 -31.14 16.77 34.99
CA ILE F 34 -30.91 15.86 33.89
C ILE F 34 -31.97 16.03 32.81
N ARG F 35 -33.19 16.44 33.19
CA ARG F 35 -34.17 16.69 32.15
C ARG F 35 -33.88 17.97 31.38
N ARG F 36 -33.27 18.98 32.01
CA ARG F 36 -32.87 20.14 31.23
C ARG F 36 -31.70 19.83 30.31
N LEU F 37 -30.73 19.04 30.78
CA LEU F 37 -29.65 18.60 29.91
C LEU F 37 -30.12 17.65 28.81
N ALA F 38 -31.28 17.05 28.94
CA ALA F 38 -31.76 16.31 27.80
C ALA F 38 -32.61 17.15 26.87
N ARG F 39 -33.36 18.11 27.42
CA ARG F 39 -34.15 18.98 26.56
C ARG F 39 -33.28 19.88 25.72
N ARG F 40 -32.08 20.22 26.18
CA ARG F 40 -31.16 20.94 25.31
C ARG F 40 -30.66 20.03 24.19
N GLY F 41 -30.38 18.78 24.49
CA GLY F 41 -29.72 17.97 23.49
C GLY F 41 -30.60 17.43 22.40
N GLY F 42 -31.89 17.76 22.41
CA GLY F 42 -32.78 17.35 21.34
C GLY F 42 -33.70 16.21 21.68
N VAL F 43 -33.69 15.72 22.91
CA VAL F 43 -34.52 14.59 23.31
C VAL F 43 -35.90 15.11 23.67
N LYS F 44 -36.95 14.43 23.19
CA LYS F 44 -38.30 14.82 23.56
C LYS F 44 -38.76 14.14 24.84
N ARG F 45 -38.79 12.82 24.84
CA ARG F 45 -39.46 12.06 25.89
C ARG F 45 -38.48 11.11 26.55
N ILE F 46 -38.35 11.23 27.86
CA ILE F 46 -37.31 10.55 28.62
C ILE F 46 -37.93 9.41 29.38
N SER F 47 -37.22 8.29 29.48
CA SER F 47 -37.66 7.18 30.30
C SER F 47 -37.46 7.48 31.78
N GLY F 48 -37.72 6.48 32.60
CA GLY F 48 -37.50 6.56 34.02
C GLY F 48 -36.33 5.77 34.52
N LEU F 49 -35.61 5.08 33.64
CA LEU F 49 -34.46 4.28 34.03
C LEU F 49 -33.16 4.89 33.57
N ILE F 50 -33.20 6.10 33.01
CA ILE F 50 -32.00 6.78 32.55
C ILE F 50 -31.18 7.29 33.72
N TYR F 51 -31.82 7.56 34.86
CA TYR F 51 -31.23 8.47 35.83
C TYR F 51 -30.05 7.86 36.57
N GLU F 52 -30.13 6.57 36.91
CA GLU F 52 -28.98 5.88 37.48
C GLU F 52 -27.84 5.81 36.47
N GLU F 53 -28.17 5.66 35.19
CA GLU F 53 -27.14 5.53 34.17
C GLU F 53 -26.43 6.84 33.92
N THR F 54 -27.17 7.94 33.89
CA THR F 54 -26.59 9.27 33.71
C THR F 54 -25.69 9.64 34.87
N ARG F 55 -26.13 9.32 36.11
CA ARG F 55 -25.27 9.58 37.25
C ARG F 55 -23.99 8.75 37.19
N GLY F 56 -24.08 7.49 36.77
CA GLY F 56 -22.88 6.67 36.65
C GLY F 56 -21.91 7.18 35.61
N VAL F 57 -22.43 7.63 34.46
CA VAL F 57 -21.59 8.16 33.38
C VAL F 57 -20.86 9.44 33.83
N LEU F 58 -21.59 10.34 34.49
CA LEU F 58 -20.97 11.58 34.96
C LEU F 58 -19.91 11.31 36.01
N LYS F 59 -20.14 10.32 36.87
CA LYS F 59 -19.15 10.00 37.90
C LYS F 59 -17.88 9.43 37.28
N VAL F 60 -18.00 8.63 36.21
CA VAL F 60 -16.80 8.10 35.56
C VAL F 60 -15.99 9.23 34.90
N PHE F 61 -16.68 10.18 34.28
CA PHE F 61 -15.97 11.28 33.64
C PHE F 61 -15.27 12.18 34.65
N LEU F 62 -15.92 12.47 35.77
CA LEU F 62 -15.27 13.33 36.76
C LEU F 62 -14.12 12.62 37.46
N GLU F 63 -14.20 11.29 37.65
CA GLU F 63 -13.04 10.58 38.19
C GLU F 63 -11.84 10.70 37.25
N ASN F 64 -12.06 10.60 35.94
CA ASN F 64 -10.90 10.67 35.05
C ASN F 64 -10.26 12.05 35.01
N VAL F 65 -11.07 13.09 34.86
CA VAL F 65 -10.51 14.44 34.75
C VAL F 65 -9.84 14.85 36.06
N ILE F 66 -10.46 14.53 37.20
CA ILE F 66 -9.85 14.95 38.46
C ILE F 66 -8.64 14.09 38.82
N ARG F 67 -8.57 12.84 38.33
CA ARG F 67 -7.37 12.04 38.51
C ARG F 67 -6.17 12.67 37.80
N ASP F 68 -6.37 13.13 36.56
CA ASP F 68 -5.25 13.74 35.85
C ASP F 68 -4.90 15.12 36.42
N ALA F 69 -5.90 15.89 36.86
CA ALA F 69 -5.62 17.21 37.43
C ALA F 69 -4.87 17.10 38.75
N VAL F 70 -5.24 16.14 39.59
CA VAL F 70 -4.53 15.95 40.84
C VAL F 70 -3.12 15.41 40.59
N THR F 71 -2.91 14.67 39.50
CA THR F 71 -1.55 14.27 39.13
C THR F 71 -0.66 15.47 38.84
N TYR F 72 -1.14 16.39 37.99
CA TYR F 72 -0.37 17.61 37.71
C TYR F 72 -0.14 18.45 38.96
N THR F 73 -1.15 18.54 39.82
CA THR F 73 -1.03 19.41 41.00
C THR F 73 -0.07 18.85 42.03
N GLU F 74 -0.12 17.55 42.29
CA GLU F 74 0.89 16.94 43.15
C GLU F 74 2.27 16.95 42.54
N HIS F 75 2.37 17.01 41.22
CA HIS F 75 3.69 17.18 40.63
C HIS F 75 4.28 18.54 40.94
N ALA F 76 3.54 19.61 40.68
CA ALA F 76 4.14 20.94 40.77
C ALA F 76 4.16 21.51 42.19
N LYS F 77 4.07 20.66 43.21
CA LYS F 77 4.20 20.94 44.64
C LYS F 77 3.10 21.82 45.22
N ARG F 78 2.12 22.22 44.43
CA ARG F 78 1.07 23.08 44.97
C ARG F 78 0.03 22.25 45.71
N LYS F 79 -1.02 22.93 46.17
CA LYS F 79 -2.24 22.25 46.57
C LYS F 79 -3.49 22.84 45.95
N THR F 80 -3.50 24.14 45.69
CA THR F 80 -4.65 24.77 45.05
C THR F 80 -4.68 24.34 43.60
N VAL F 81 -5.67 23.52 43.23
CA VAL F 81 -5.80 23.07 41.86
C VAL F 81 -6.29 24.23 41.01
N THR F 82 -5.36 24.89 40.32
CA THR F 82 -5.73 26.06 39.55
C THR F 82 -6.37 25.64 38.25
N ALA F 83 -6.97 26.62 37.55
CA ALA F 83 -7.76 26.32 36.37
C ALA F 83 -6.91 25.79 35.23
N MET F 84 -5.63 26.16 35.19
CA MET F 84 -4.73 25.64 34.18
C MET F 84 -4.50 24.14 34.31
N ASP F 85 -4.58 23.61 35.54
CA ASP F 85 -4.41 22.17 35.72
C ASP F 85 -5.60 21.41 35.14
N VAL F 86 -6.82 21.87 35.37
CA VAL F 86 -8.00 21.23 34.82
C VAL F 86 -8.03 21.36 33.30
N VAL F 87 -7.63 22.52 32.78
CA VAL F 87 -7.58 22.71 31.32
C VAL F 87 -6.54 21.79 30.69
N TYR F 88 -5.42 21.55 31.37
CA TYR F 88 -4.45 20.62 30.79
C TYR F 88 -4.87 19.18 30.94
N ALA F 89 -5.67 18.83 31.94
CA ALA F 89 -6.22 17.49 31.97
C ALA F 89 -7.19 17.26 30.82
N LEU F 90 -8.03 18.26 30.53
CA LEU F 90 -8.95 18.13 29.41
C LEU F 90 -8.22 18.15 28.07
N LYS F 91 -7.11 18.87 27.96
CA LYS F 91 -6.33 18.83 26.72
C LYS F 91 -5.63 17.48 26.56
N ARG F 92 -5.23 16.89 27.67
CA ARG F 92 -4.65 15.54 27.64
C ARG F 92 -5.64 14.52 27.12
N GLN F 93 -6.89 14.55 27.61
CA GLN F 93 -7.82 13.50 27.21
C GLN F 93 -8.30 13.65 25.78
N GLY F 94 -8.31 14.86 25.25
CA GLY F 94 -8.72 15.07 23.86
C GLY F 94 -9.94 15.94 23.68
N ARG F 95 -10.22 16.79 24.66
CA ARG F 95 -11.36 17.71 24.61
C ARG F 95 -10.82 19.07 25.01
N THR F 96 -10.51 19.92 24.05
CA THR F 96 -9.96 21.21 24.41
C THR F 96 -11.08 22.08 24.94
N LEU F 97 -10.75 22.91 25.91
CA LEU F 97 -11.70 23.84 26.51
C LEU F 97 -11.12 25.24 26.37
N TYR F 98 -11.58 25.98 25.38
CA TYR F 98 -11.13 27.36 25.27
C TYR F 98 -11.85 28.18 26.31
N GLY F 99 -11.28 29.34 26.64
CA GLY F 99 -11.98 30.31 27.44
C GLY F 99 -11.41 30.56 28.81
N PHE F 100 -10.41 29.80 29.24
CA PHE F 100 -9.89 29.90 30.60
C PHE F 100 -8.40 30.17 30.67
N GLY F 101 -7.65 29.93 29.62
CA GLY F 101 -6.25 30.31 29.56
C GLY F 101 -5.41 29.20 28.97
N GLY F 102 -4.29 29.60 28.36
CA GLY F 102 -3.30 28.67 27.84
C GLY F 102 -3.67 27.88 26.61
N ALA G 12 41.44 3.42 33.06
CA ALA G 12 40.71 2.26 33.56
C ALA G 12 40.14 1.46 32.40
N LYS G 13 39.09 0.68 32.67
CA LYS G 13 38.42 -0.11 31.65
C LYS G 13 36.93 0.20 31.67
N ALA G 14 36.32 0.23 30.50
CA ALA G 14 34.96 0.71 30.34
C ALA G 14 33.94 -0.23 30.97
N LYS G 15 32.97 0.35 31.66
CA LYS G 15 31.90 -0.38 32.32
C LYS G 15 30.60 0.32 31.99
N THR G 16 29.73 -0.36 31.25
CA THR G 16 28.54 0.27 30.71
C THR G 16 27.53 0.58 31.82
N ARG G 17 26.79 1.67 31.63
CA ARG G 17 25.77 2.03 32.61
C ARG G 17 24.58 1.09 32.59
N SER G 18 24.36 0.39 31.48
CA SER G 18 23.41 -0.71 31.48
C SER G 18 23.83 -1.80 32.45
N SER G 19 25.13 -2.01 32.62
CA SER G 19 25.59 -3.00 33.58
C SER G 19 25.53 -2.47 35.00
N ARG G 20 25.62 -1.16 35.20
CA ARG G 20 25.47 -0.61 36.54
C ARG G 20 24.02 -0.71 37.00
N ALA G 21 23.09 -0.31 36.14
CA ALA G 21 21.70 -0.28 36.54
C ALA G 21 21.06 -1.65 36.57
N GLY G 22 21.68 -2.66 35.97
CA GLY G 22 21.06 -3.96 35.90
C GLY G 22 19.91 -4.00 34.93
N LEU G 23 20.04 -3.35 33.78
CA LEU G 23 18.99 -3.30 32.79
C LEU G 23 19.40 -4.05 31.54
N GLN G 24 18.52 -4.05 30.54
CA GLN G 24 18.81 -4.70 29.27
C GLN G 24 18.55 -3.79 28.09
N PHE G 25 18.49 -2.49 28.30
CA PHE G 25 18.26 -1.53 27.24
C PHE G 25 19.39 -0.51 27.16
N PRO G 26 19.71 -0.03 25.96
CA PRO G 26 20.91 0.81 25.80
C PRO G 26 20.75 2.21 26.34
N VAL G 27 21.08 2.39 27.62
CA VAL G 27 20.91 3.66 28.31
C VAL G 27 21.69 4.79 27.65
N GLY G 28 22.82 4.47 27.02
CA GLY G 28 23.52 5.47 26.22
C GLY G 28 22.71 5.92 25.03
N ARG G 29 22.02 4.99 24.38
CA ARG G 29 21.20 5.33 23.23
C ARG G 29 19.97 6.13 23.63
N VAL G 30 19.40 5.85 24.81
CA VAL G 30 18.28 6.64 25.29
C VAL G 30 18.74 8.05 25.64
N HIS G 31 19.94 8.18 26.19
CA HIS G 31 20.44 9.50 26.56
C HIS G 31 20.75 10.34 25.32
N ARG G 32 21.25 9.70 24.28
CA ARG G 32 21.48 10.44 23.04
C ARG G 32 20.17 10.81 22.36
N LEU G 33 19.18 9.91 22.36
CA LEU G 33 17.92 10.30 21.76
C LEU G 33 17.13 11.29 22.61
N LEU G 34 17.48 11.49 23.87
CA LEU G 34 16.84 12.58 24.60
C LEU G 34 17.57 13.90 24.47
N ARG G 35 18.88 13.90 24.23
CA ARG G 35 19.49 15.19 23.92
C ARG G 35 19.16 15.64 22.50
N LYS G 36 19.27 14.74 21.53
CA LYS G 36 19.15 15.11 20.12
C LYS G 36 17.77 14.84 19.57
N GLY G 37 16.73 15.06 20.33
CA GLY G 37 15.39 15.05 19.77
C GLY G 37 14.76 16.42 19.94
N ASN G 38 15.47 17.28 20.67
CA ASN G 38 14.95 18.54 21.19
C ASN G 38 13.66 18.34 21.98
N TYR G 39 13.66 17.33 22.85
CA TYR G 39 12.54 17.20 23.76
C TYR G 39 12.67 18.16 24.93
N ALA G 40 13.88 18.49 25.34
CA ALA G 40 14.11 19.56 26.30
C ALA G 40 15.52 20.07 26.12
N GLU G 41 15.81 21.20 26.77
CA GLU G 41 17.10 21.85 26.59
C GLU G 41 18.22 21.04 27.23
N ARG G 42 18.01 20.57 28.45
CA ARG G 42 19.00 19.87 29.24
C ARG G 42 18.39 18.62 29.82
N VAL G 43 18.99 17.47 29.58
CA VAL G 43 18.49 16.21 30.12
C VAL G 43 19.26 15.91 31.40
N GLY G 44 18.53 15.83 32.51
CA GLY G 44 19.14 15.39 33.75
C GLY G 44 19.52 13.92 33.68
N ALA G 45 20.47 13.54 34.52
CA ALA G 45 21.06 12.22 34.41
C ALA G 45 20.16 11.13 34.99
N GLY G 46 19.16 11.48 35.76
CA GLY G 46 18.32 10.46 36.38
C GLY G 46 17.29 9.91 35.43
N ALA G 47 16.98 10.68 34.38
CA ALA G 47 15.89 10.29 33.49
C ALA G 47 16.18 9.14 32.53
N PRO G 48 17.35 9.00 31.88
CA PRO G 48 17.50 7.86 30.98
C PRO G 48 17.47 6.51 31.66
N VAL G 49 17.96 6.41 32.89
CA VAL G 49 17.87 5.15 33.63
C VAL G 49 16.43 4.77 33.90
N TYR G 50 15.63 5.76 34.33
CA TYR G 50 14.22 5.53 34.62
C TYR G 50 13.47 5.12 33.36
N LEU G 51 13.82 5.73 32.24
CA LEU G 51 13.05 5.47 31.04
C LEU G 51 13.42 4.14 30.42
N ALA G 52 14.69 3.75 30.52
CA ALA G 52 15.08 2.41 30.11
C ALA G 52 14.40 1.35 30.95
N ALA G 53 14.22 1.61 32.24
CA ALA G 53 13.55 0.62 33.09
C ALA G 53 12.07 0.48 32.73
N VAL G 54 11.39 1.58 32.44
CA VAL G 54 9.97 1.50 32.10
C VAL G 54 9.77 0.77 30.77
N LEU G 55 10.64 1.05 29.78
CA LEU G 55 10.52 0.36 28.50
C LEU G 55 10.80 -1.14 28.64
N GLU G 56 11.75 -1.50 29.51
CA GLU G 56 12.00 -2.92 29.79
C GLU G 56 10.77 -3.60 30.37
N TYR G 57 10.10 -2.95 31.32
CA TYR G 57 8.96 -3.59 31.96
C TYR G 57 7.78 -3.76 31.00
N LEU G 58 7.54 -2.77 30.14
CA LEU G 58 6.45 -2.91 29.16
C LEU G 58 6.72 -4.04 28.16
N THR G 59 7.96 -4.14 27.66
CA THR G 59 8.30 -5.23 26.76
C THR G 59 8.23 -6.59 27.47
N ALA G 60 8.56 -6.64 28.75
CA ALA G 60 8.45 -7.90 29.50
C ALA G 60 6.99 -8.33 29.65
N GLU G 61 6.09 -7.37 29.86
CA GLU G 61 4.66 -7.70 29.91
C GLU G 61 4.16 -8.29 28.60
N ILE G 62 4.39 -7.58 27.48
CA ILE G 62 3.85 -8.06 26.21
C ILE G 62 4.50 -9.37 25.78
N LEU G 63 5.79 -9.56 26.09
CA LEU G 63 6.40 -10.83 25.70
C LEU G 63 5.99 -12.00 26.58
N GLU G 64 5.73 -11.79 27.87
CA GLU G 64 5.18 -12.87 28.68
C GLU G 64 3.82 -13.32 28.18
N LEU G 65 2.93 -12.35 27.93
CA LEU G 65 1.60 -12.71 27.43
C LEU G 65 1.64 -13.35 26.06
N ALA G 66 2.53 -12.86 25.17
CA ALA G 66 2.65 -13.42 23.85
C ALA G 66 3.20 -14.83 23.89
N GLY G 67 4.17 -15.08 24.79
CA GLY G 67 4.72 -16.41 24.91
C GLY G 67 3.70 -17.43 25.38
N ASN G 68 2.87 -17.06 26.37
CA ASN G 68 1.85 -18.00 26.82
C ASN G 68 0.78 -18.25 25.76
N ALA G 69 0.28 -17.19 25.13
CA ALA G 69 -0.74 -17.40 24.10
C ALA G 69 -0.20 -18.11 22.86
N ALA G 70 1.10 -18.00 22.59
CA ALA G 70 1.69 -18.77 21.50
C ALA G 70 1.87 -20.22 21.90
N ARG G 71 2.20 -20.47 23.16
CA ARG G 71 2.51 -21.82 23.58
C ARG G 71 1.26 -22.67 23.76
N ASP G 72 0.10 -22.05 24.01
CA ASP G 72 -1.12 -22.85 24.07
C ASP G 72 -1.62 -23.34 22.71
N ASN G 73 -1.02 -22.91 21.60
CA ASN G 73 -1.37 -23.42 20.27
C ASN G 73 -0.29 -24.32 19.70
N LYS G 74 0.64 -24.78 20.54
CA LYS G 74 1.70 -25.74 20.20
C LYS G 74 2.63 -25.24 19.10
N LYS G 75 2.77 -23.92 18.96
CA LYS G 75 3.72 -23.33 18.03
C LYS G 75 4.70 -22.49 18.83
N THR G 76 5.99 -22.68 18.60
CA THR G 76 7.01 -22.13 19.49
C THR G 76 7.76 -20.96 18.87
N ARG G 77 7.14 -20.18 18.01
CA ARG G 77 7.68 -18.89 17.61
C ARG G 77 6.56 -17.87 17.57
N ILE G 78 6.87 -16.65 17.97
CA ILE G 78 5.86 -15.61 18.14
C ILE G 78 5.61 -14.93 16.80
N ILE G 79 4.39 -15.03 16.30
CA ILE G 79 3.99 -14.38 15.06
C ILE G 79 2.90 -13.38 15.41
N PRO G 80 2.69 -12.30 14.58
CA PRO G 80 1.80 -11.20 14.97
C PRO G 80 0.37 -11.52 15.41
N ARG G 81 -0.14 -12.68 15.02
CA ARG G 81 -1.41 -13.17 15.54
C ARG G 81 -1.36 -13.34 17.05
N HIS G 82 -0.22 -13.82 17.55
CA HIS G 82 -0.08 -14.04 18.99
C HIS G 82 -0.01 -12.72 19.74
N LEU G 83 0.57 -11.69 19.12
CA LEU G 83 0.57 -10.37 19.75
C LEU G 83 -0.81 -9.75 19.75
N GLN G 84 -1.58 -9.94 18.68
CA GLN G 84 -2.95 -9.44 18.63
C GLN G 84 -3.82 -10.09 19.70
N LEU G 85 -3.63 -11.40 19.93
CA LEU G 85 -4.36 -12.06 21.00
C LEU G 85 -3.90 -11.57 22.38
N ALA G 86 -2.59 -11.53 22.61
CA ALA G 86 -2.03 -11.16 23.90
C ALA G 86 -2.20 -9.68 24.23
N VAL G 87 -2.61 -8.86 23.28
CA VAL G 87 -2.98 -7.50 23.62
C VAL G 87 -4.48 -7.34 23.75
N ARG G 88 -5.28 -7.83 22.79
CA ARG G 88 -6.71 -7.56 22.86
C ARG G 88 -7.43 -8.40 23.91
N ASN G 89 -6.81 -9.43 24.46
CA ASN G 89 -7.46 -10.13 25.55
C ASN G 89 -7.43 -9.32 26.83
N ASP G 90 -6.24 -8.92 27.28
CA ASP G 90 -6.08 -8.23 28.56
C ASP G 90 -6.60 -6.80 28.50
N GLU G 91 -7.25 -6.36 29.57
CA GLU G 91 -7.98 -5.10 29.56
C GLU G 91 -7.05 -3.90 29.69
N GLU G 92 -5.92 -4.06 30.37
CA GLU G 92 -5.00 -2.95 30.60
C GLU G 92 -4.28 -2.55 29.32
N LEU G 93 -3.68 -3.51 28.65
CA LEU G 93 -3.01 -3.22 27.40
C LEU G 93 -3.99 -2.90 26.29
N ASN G 94 -5.23 -3.36 26.39
CA ASN G 94 -6.27 -2.87 25.48
C ASN G 94 -6.52 -1.40 25.71
N LYS G 95 -6.55 -0.97 26.98
CA LYS G 95 -6.79 0.43 27.30
C LYS G 95 -5.62 1.31 26.86
N LEU G 96 -4.41 0.77 26.88
CA LEU G 96 -3.26 1.53 26.37
C LEU G 96 -3.25 1.57 24.85
N LEU G 97 -3.37 0.42 24.19
CA LEU G 97 -3.29 0.34 22.74
C LEU G 97 -4.70 0.37 22.15
N GLY G 98 -5.29 1.55 22.19
CA GLY G 98 -6.65 1.71 21.73
C GLY G 98 -6.79 1.74 20.22
N ARG G 99 -6.18 2.74 19.58
CA ARG G 99 -6.36 2.95 18.15
C ARG G 99 -5.52 2.03 17.30
N VAL G 100 -4.53 1.37 17.88
CA VAL G 100 -3.37 0.87 17.13
C VAL G 100 -3.72 -0.38 16.34
N THR G 101 -3.42 -0.35 15.04
CA THR G 101 -3.57 -1.50 14.16
C THR G 101 -2.28 -2.30 14.09
N ILE G 102 -2.38 -3.63 14.19
CA ILE G 102 -1.23 -4.51 14.05
C ILE G 102 -1.39 -5.29 12.77
N ALA G 103 -0.43 -5.16 11.86
CA ALA G 103 -0.52 -5.78 10.56
C ALA G 103 -0.36 -7.29 10.65
N GLN G 104 -1.02 -8.00 9.73
CA GLN G 104 -1.14 -9.46 9.72
C GLN G 104 -1.71 -9.98 11.05
N GLY G 105 -2.70 -9.26 11.57
CA GLY G 105 -3.13 -9.50 12.94
C GLY G 105 -4.40 -10.31 13.11
N GLY G 106 -5.45 -10.00 12.38
CA GLY G 106 -6.70 -10.71 12.51
C GLY G 106 -7.51 -10.29 13.71
N VAL G 107 -8.78 -10.66 13.68
CA VAL G 107 -9.75 -10.25 14.68
C VAL G 107 -10.01 -11.43 15.61
N LEU G 108 -10.29 -11.12 16.87
CA LEU G 108 -10.61 -12.09 17.90
C LEU G 108 -11.83 -12.94 17.52
N PRO G 109 -11.97 -14.12 18.08
CA PRO G 109 -13.27 -14.80 18.03
C PRO G 109 -14.31 -14.02 18.79
N ASN G 110 -15.28 -13.47 18.06
CA ASN G 110 -16.22 -12.49 18.59
C ASN G 110 -17.52 -12.62 17.81
N ILE G 111 -18.47 -13.37 18.34
CA ILE G 111 -19.79 -13.55 17.73
C ILE G 111 -20.83 -13.14 18.74
N GLN G 112 -21.79 -12.30 18.33
CA GLN G 112 -22.82 -11.88 19.25
C GLN G 112 -23.79 -13.03 19.52
N SER G 113 -24.65 -12.84 20.52
CA SER G 113 -25.37 -13.96 21.09
C SER G 113 -26.59 -14.38 20.28
N VAL G 114 -27.18 -13.47 19.50
CA VAL G 114 -28.41 -13.81 18.80
C VAL G 114 -28.18 -14.52 17.47
N LEU G 115 -26.95 -14.62 17.01
CA LEU G 115 -26.69 -15.28 15.74
C LEU G 115 -26.41 -16.76 15.88
N LEU G 116 -26.31 -17.27 17.09
CA LEU G 116 -26.20 -18.70 17.29
C LEU G 116 -27.55 -19.36 17.06
N PRO G 117 -27.60 -20.56 16.49
CA PRO G 117 -28.87 -21.13 16.04
C PRO G 117 -29.75 -21.56 17.20
N LYS G 118 -31.02 -21.77 16.88
CA LYS G 118 -32.03 -22.07 17.88
C LYS G 118 -31.87 -23.47 18.46
N THR H 29 25.47 4.19 5.77
CA THR H 29 24.14 4.37 6.32
C THR H 29 23.61 3.06 6.87
N ARG H 30 23.31 3.07 8.16
CA ARG H 30 22.82 1.90 8.86
C ARG H 30 21.43 2.18 9.42
N LYS H 31 20.52 1.25 9.20
CA LYS H 31 19.30 1.20 9.99
C LYS H 31 19.64 0.56 11.31
N GLU H 32 19.34 1.25 12.42
CA GLU H 32 19.54 0.67 13.72
C GLU H 32 18.21 0.49 14.42
N SER H 33 18.06 -0.65 15.06
CA SER H 33 16.80 -1.04 15.68
C SER H 33 17.07 -1.46 17.11
N TYR H 34 16.09 -2.05 17.76
CA TYR H 34 16.27 -2.60 19.10
C TYR H 34 16.10 -4.11 19.07
N ALA H 35 16.66 -4.77 18.06
CA ALA H 35 16.36 -6.18 17.83
C ALA H 35 17.00 -7.08 18.88
N ILE H 36 18.30 -6.92 19.11
CA ILE H 36 18.99 -7.78 20.05
C ILE H 36 18.56 -7.53 21.48
N TYR H 37 18.00 -6.36 21.77
CA TYR H 37 17.60 -6.02 23.14
C TYR H 37 16.28 -6.68 23.50
N VAL H 38 15.34 -6.64 22.57
CA VAL H 38 14.12 -7.44 22.67
C VAL H 38 14.47 -8.91 22.74
N TYR H 39 15.49 -9.33 22.01
CA TYR H 39 15.85 -10.75 22.03
C TYR H 39 16.46 -11.16 23.37
N LYS H 40 17.25 -10.29 23.99
CA LYS H 40 17.78 -10.59 25.31
C LYS H 40 16.68 -10.63 26.36
N VAL H 41 15.71 -9.72 26.27
CA VAL H 41 14.61 -9.75 27.23
C VAL H 41 13.77 -10.99 27.04
N LEU H 42 13.63 -11.46 25.79
CA LEU H 42 12.94 -12.73 25.55
C LEU H 42 13.71 -13.91 26.12
N LYS H 43 15.04 -13.87 26.07
CA LYS H 43 15.77 -14.98 26.67
C LYS H 43 15.73 -14.93 28.20
N GLN H 44 15.61 -13.75 28.79
CA GLN H 44 15.45 -13.72 30.24
C GLN H 44 14.07 -14.15 30.68
N VAL H 45 13.03 -13.85 29.90
CA VAL H 45 11.67 -14.21 30.31
C VAL H 45 11.40 -15.69 30.07
N HIS H 46 11.51 -16.13 28.82
CA HIS H 46 11.32 -17.52 28.45
C HIS H 46 12.64 -18.21 28.17
N PRO H 47 12.73 -19.51 28.38
CA PRO H 47 14.01 -20.19 28.18
C PRO H 47 14.37 -20.48 26.73
N ASP H 48 13.39 -20.82 25.89
CA ASP H 48 13.69 -21.32 24.56
C ASP H 48 12.89 -20.69 23.43
N THR H 49 11.73 -20.12 23.72
CA THR H 49 10.76 -19.81 22.67
C THR H 49 11.24 -18.63 21.85
N GLY H 50 11.80 -18.92 20.69
CA GLY H 50 12.35 -17.88 19.84
C GLY H 50 11.27 -17.06 19.19
N ILE H 51 11.70 -16.02 18.49
CA ILE H 51 10.81 -15.01 17.94
C ILE H 51 11.03 -14.93 16.44
N SER H 52 10.01 -14.50 15.71
CA SER H 52 10.11 -14.37 14.27
C SER H 52 10.24 -12.90 13.89
N SER H 53 10.79 -12.66 12.69
CA SER H 53 11.32 -11.34 12.36
C SER H 53 10.24 -10.29 12.18
N LYS H 54 9.05 -10.70 11.74
CA LYS H 54 7.94 -9.75 11.63
C LYS H 54 7.51 -9.26 13.01
N ALA H 55 7.50 -10.15 14.00
CA ALA H 55 7.21 -9.71 15.36
C ALA H 55 8.31 -8.86 15.92
N MET H 56 9.55 -9.07 15.47
CA MET H 56 10.63 -8.19 15.87
C MET H 56 10.42 -6.78 15.34
N SER H 57 9.94 -6.67 14.10
CA SER H 57 9.63 -5.35 13.56
C SER H 57 8.47 -4.69 14.31
N ILE H 58 7.49 -5.48 14.74
CA ILE H 58 6.39 -4.91 15.52
C ILE H 58 6.87 -4.42 16.87
N MET H 59 7.73 -5.19 17.55
CA MET H 59 8.21 -4.76 18.86
C MET H 59 9.13 -3.55 18.73
N ASN H 60 9.86 -3.44 17.62
CA ASN H 60 10.64 -2.24 17.33
C ASN H 60 9.73 -1.01 17.24
N SER H 61 8.67 -1.10 16.44
CA SER H 61 7.81 0.08 16.29
C SER H 61 7.06 0.38 17.57
N PHE H 62 6.75 -0.64 18.37
CA PHE H 62 6.10 -0.41 19.65
C PHE H 62 7.00 0.33 20.62
N VAL H 63 8.26 -0.04 20.70
CA VAL H 63 9.14 0.62 21.66
C VAL H 63 9.45 2.05 21.22
N ASN H 64 9.57 2.28 19.91
CA ASN H 64 9.69 3.67 19.46
C ASN H 64 8.44 4.49 19.75
N ASP H 65 7.26 3.87 19.68
CA ASP H 65 6.03 4.60 19.97
C ASP H 65 5.94 4.99 21.45
N VAL H 66 6.20 4.04 22.35
CA VAL H 66 6.09 4.33 23.77
C VAL H 66 7.15 5.34 24.19
N PHE H 67 8.33 5.29 23.56
CA PHE H 67 9.35 6.28 23.87
C PHE H 67 8.94 7.67 23.42
N GLU H 68 8.30 7.80 22.25
CA GLU H 68 7.89 9.13 21.81
C GLU H 68 6.76 9.69 22.67
N ARG H 69 5.83 8.83 23.12
CA ARG H 69 4.76 9.35 23.97
C ARG H 69 5.28 9.82 25.32
N ILE H 70 6.15 9.03 25.95
CA ILE H 70 6.62 9.41 27.28
C ILE H 70 7.56 10.61 27.21
N ALA H 71 8.39 10.69 26.16
CA ALA H 71 9.24 11.86 26.02
C ALA H 71 8.42 13.11 25.76
N GLY H 72 7.35 13.01 24.98
CA GLY H 72 6.52 14.18 24.72
C GLY H 72 5.80 14.67 25.96
N GLU H 73 5.28 13.75 26.77
CA GLU H 73 4.56 14.18 27.96
C GLU H 73 5.49 14.76 29.01
N ALA H 74 6.66 14.16 29.22
CA ALA H 74 7.58 14.76 30.18
C ALA H 74 8.16 16.07 29.66
N SER H 75 8.26 16.20 28.34
CA SER H 75 8.71 17.44 27.74
C SER H 75 7.77 18.59 28.04
N ARG H 76 6.49 18.44 27.72
CA ARG H 76 5.67 19.60 28.00
C ARG H 76 5.18 19.67 29.44
N LEU H 77 5.41 18.65 30.26
CA LEU H 77 5.37 18.87 31.70
C LEU H 77 6.46 19.82 32.15
N ALA H 78 7.69 19.60 31.70
CA ALA H 78 8.75 20.50 32.10
C ALA H 78 8.64 21.86 31.42
N HIS H 79 7.83 21.96 30.38
CA HIS H 79 7.58 23.28 29.80
C HIS H 79 6.47 24.02 30.53
N TYR H 80 5.46 23.32 31.06
CA TYR H 80 4.36 24.03 31.72
C TYR H 80 4.78 24.68 33.03
N ASN H 81 5.73 24.08 33.74
CA ASN H 81 6.16 24.59 35.03
C ASN H 81 7.27 25.63 34.92
N LYS H 82 7.53 26.12 33.70
CA LYS H 82 8.53 27.15 33.41
C LYS H 82 9.93 26.74 33.83
N ARG H 83 10.18 25.42 33.83
CA ARG H 83 11.50 24.86 34.06
C ARG H 83 12.24 24.77 32.74
N SER H 84 13.35 24.07 32.75
CA SER H 84 14.11 23.88 31.53
C SER H 84 14.73 22.50 31.40
N THR H 85 14.49 21.56 32.30
CA THR H 85 15.32 20.37 32.44
C THR H 85 14.48 19.17 32.82
N ILE H 86 14.57 18.09 32.03
CA ILE H 86 13.92 16.84 32.40
C ILE H 86 14.69 16.17 33.52
N THR H 87 14.02 15.94 34.64
CA THR H 87 14.59 15.19 35.75
C THR H 87 14.05 13.77 35.71
N SER H 88 14.28 13.01 36.78
CA SER H 88 13.58 11.74 36.92
C SER H 88 12.12 11.97 37.27
N ARG H 89 11.85 13.05 37.99
CA ARG H 89 10.54 13.29 38.58
C ARG H 89 9.49 13.55 37.51
N GLU H 90 9.87 14.25 36.44
CA GLU H 90 8.94 14.41 35.32
C GLU H 90 8.68 13.11 34.59
N ILE H 91 9.66 12.21 34.53
CA ILE H 91 9.41 10.93 33.90
C ILE H 91 8.44 10.12 34.74
N GLN H 92 8.53 10.26 36.07
CA GLN H 92 7.60 9.55 36.94
C GLN H 92 6.19 10.08 36.81
N THR H 93 6.04 11.39 36.66
CA THR H 93 4.70 11.93 36.44
C THR H 93 4.16 11.54 35.06
N ALA H 94 5.02 11.47 34.04
CA ALA H 94 4.51 11.07 32.73
C ALA H 94 4.14 9.59 32.67
N VAL H 95 4.84 8.75 33.43
CA VAL H 95 4.43 7.35 33.54
C VAL H 95 3.10 7.24 34.28
N ARG H 96 2.86 8.09 35.28
CA ARG H 96 1.52 8.07 35.87
C ARG H 96 0.45 8.68 34.97
N LEU H 97 0.84 9.43 33.93
CA LEU H 97 -0.17 9.98 33.03
C LEU H 97 -0.39 9.20 31.74
N LEU H 98 0.45 8.22 31.41
CA LEU H 98 0.18 7.45 30.21
C LEU H 98 -0.23 6.02 30.48
N LEU H 99 0.48 5.30 31.33
CA LEU H 99 0.16 3.91 31.59
C LEU H 99 -1.10 3.83 32.43
N PRO H 100 -2.15 3.13 31.99
CA PRO H 100 -3.44 3.25 32.63
C PRO H 100 -3.64 2.21 33.72
N GLY H 101 -4.16 2.65 34.85
CA GLY H 101 -4.63 1.72 35.84
C GLY H 101 -3.55 1.05 36.65
N GLU H 102 -3.28 -0.22 36.38
CA GLU H 102 -2.40 -1.02 37.22
C GLU H 102 -1.11 -1.45 36.54
N LEU H 103 -0.78 -0.88 35.39
CA LEU H 103 0.62 -0.92 34.99
C LEU H 103 1.42 0.16 35.68
N ALA H 104 0.73 1.15 36.25
CA ALA H 104 1.41 2.30 36.83
C ALA H 104 2.19 1.93 38.07
N LYS H 105 1.61 1.10 38.94
CA LYS H 105 2.28 0.74 40.20
C LYS H 105 3.54 -0.07 39.93
N HIS H 106 3.45 -1.04 39.04
CA HIS H 106 4.60 -1.86 38.74
C HIS H 106 5.67 -1.08 37.99
N ALA H 107 5.27 -0.17 37.10
CA ALA H 107 6.26 0.62 36.38
C ALA H 107 6.97 1.61 37.29
N VAL H 108 6.26 2.23 38.22
CA VAL H 108 6.91 3.20 39.09
C VAL H 108 7.76 2.49 40.15
N SER H 109 7.33 1.31 40.61
CA SER H 109 8.17 0.52 41.50
C SER H 109 9.46 0.06 40.80
N GLU H 110 9.35 -0.37 39.54
CA GLU H 110 10.54 -0.75 38.78
C GLU H 110 11.47 0.42 38.54
N GLY H 111 10.91 1.60 38.26
CA GLY H 111 11.74 2.76 38.03
C GLY H 111 12.49 3.19 39.26
N THR H 112 11.81 3.19 40.41
CA THR H 112 12.47 3.58 41.64
C THR H 112 13.55 2.58 42.04
N LYS H 113 13.28 1.29 41.85
CA LYS H 113 14.25 0.28 42.23
C LYS H 113 15.48 0.32 41.33
N ALA H 114 15.29 0.54 40.02
CA ALA H 114 16.43 0.60 39.12
C ALA H 114 17.27 1.86 39.33
N VAL H 115 16.64 3.00 39.63
CA VAL H 115 17.41 4.22 39.87
C VAL H 115 18.16 4.14 41.19
N THR H 116 17.54 3.59 42.23
CA THR H 116 18.23 3.50 43.51
C THR H 116 19.36 2.48 43.47
N LYS H 117 19.17 1.37 42.75
CA LYS H 117 20.26 0.43 42.50
C LYS H 117 21.39 1.07 41.69
N TYR H 118 21.04 1.98 40.78
CA TYR H 118 22.06 2.72 40.03
C TYR H 118 22.77 3.77 40.87
N THR H 119 22.15 4.26 41.95
CA THR H 119 22.66 5.44 42.65
C THR H 119 23.95 5.12 43.39
N SER H 120 24.05 3.92 43.99
CA SER H 120 25.19 3.58 44.84
C SER H 120 26.48 3.42 44.03
N ALA H 121 26.37 3.09 42.74
CA ALA H 121 27.54 2.94 41.91
C ALA H 121 27.63 4.04 40.85
N GLN K 116 32.61 -41.82 -38.77
CA GLN K 116 31.94 -43.10 -38.60
C GLN K 116 30.65 -43.15 -39.40
N PHE K 117 29.98 -44.31 -39.36
CA PHE K 117 28.59 -44.52 -39.79
C PHE K 117 28.33 -44.06 -41.23
N ARG K 118 28.99 -44.72 -42.16
CA ARG K 118 28.92 -44.37 -43.57
C ARG K 118 27.83 -45.13 -44.30
N GLU K 119 26.77 -45.55 -43.61
CA GLU K 119 25.77 -46.42 -44.21
C GLU K 119 24.36 -45.86 -44.18
N SER K 120 24.14 -44.67 -43.59
CA SER K 120 22.83 -44.02 -43.42
C SER K 120 21.84 -44.96 -42.74
N PRO K 121 21.95 -45.16 -41.42
CA PRO K 121 21.26 -46.28 -40.77
C PRO K 121 19.74 -46.12 -40.78
N ALA K 122 19.09 -46.99 -41.54
CA ALA K 122 17.66 -46.89 -41.82
C ALA K 122 16.82 -47.73 -40.87
N TYR K 123 17.26 -47.89 -39.62
CA TYR K 123 16.37 -48.40 -38.60
C TYR K 123 15.26 -47.41 -38.28
N VAL K 124 15.52 -46.12 -38.53
CA VAL K 124 14.44 -45.14 -38.59
C VAL K 124 13.57 -45.45 -39.80
N ASN K 125 12.27 -45.17 -39.68
CA ASN K 125 11.34 -45.44 -40.77
C ASN K 125 11.22 -44.20 -41.65
N GLY K 126 12.34 -43.86 -42.27
CA GLY K 126 12.39 -42.68 -43.12
C GLY K 126 13.78 -42.47 -43.67
N GLN K 127 14.03 -41.26 -44.13
CA GLN K 127 15.24 -40.92 -44.84
C GLN K 127 16.29 -40.32 -43.91
N LEU K 128 17.47 -40.08 -44.48
CA LEU K 128 18.46 -39.22 -43.87
C LEU K 128 18.97 -38.26 -44.93
N ARG K 129 20.03 -37.53 -44.62
CA ARG K 129 20.60 -36.53 -45.50
C ARG K 129 22.11 -36.63 -45.43
N PRO K 130 22.83 -36.32 -46.52
CA PRO K 130 24.29 -36.53 -46.53
C PRO K 130 25.07 -35.59 -45.63
N TYR K 131 24.45 -34.57 -45.06
CA TYR K 131 25.06 -33.72 -44.06
C TYR K 131 24.62 -34.07 -42.65
N GLN K 132 23.41 -34.61 -42.51
CA GLN K 132 22.92 -35.04 -41.20
C GLN K 132 23.67 -36.26 -40.70
N ILE K 133 24.12 -37.12 -41.62
CA ILE K 133 24.95 -38.27 -41.27
C ILE K 133 26.23 -37.81 -40.61
N GLN K 134 26.84 -36.76 -41.14
CA GLN K 134 27.97 -36.12 -40.48
C GLN K 134 27.55 -35.50 -39.15
N GLY K 135 26.31 -35.06 -39.04
CA GLY K 135 25.83 -34.54 -37.78
C GLY K 135 25.60 -35.62 -36.74
N VAL K 136 25.23 -36.83 -37.18
CA VAL K 136 25.01 -37.93 -36.25
C VAL K 136 26.33 -38.41 -35.66
N ASN K 137 27.41 -38.37 -36.45
CA ASN K 137 28.72 -38.82 -35.96
C ASN K 137 29.27 -37.91 -34.88
N TRP K 138 28.87 -36.63 -34.87
CA TRP K 138 29.23 -35.78 -33.75
C TRP K 138 28.45 -36.17 -32.51
N LEU K 139 27.28 -36.75 -32.68
CA LEU K 139 26.46 -37.13 -31.53
C LEU K 139 26.84 -38.48 -30.96
N VAL K 140 27.29 -39.41 -31.81
CA VAL K 140 27.67 -40.73 -31.31
C VAL K 140 29.03 -40.75 -30.62
N SER K 141 29.78 -39.67 -30.72
CA SER K 141 31.10 -39.62 -30.10
C SER K 141 31.08 -38.98 -28.73
N LEU K 142 30.10 -38.11 -28.46
CA LEU K 142 30.07 -37.39 -27.20
C LEU K 142 29.69 -38.32 -26.05
N HIS K 143 28.70 -39.18 -26.27
CA HIS K 143 28.41 -40.23 -25.29
C HIS K 143 29.52 -41.26 -25.25
N LYS K 144 30.19 -41.49 -26.38
CA LYS K 144 31.31 -42.41 -26.41
C LYS K 144 32.48 -41.89 -25.59
N ASN K 145 32.64 -40.57 -25.51
CA ASN K 145 33.65 -39.95 -24.68
C ASN K 145 33.08 -39.39 -23.38
N LYS K 146 31.80 -39.63 -23.11
CA LYS K 146 31.12 -39.27 -21.86
C LYS K 146 31.16 -37.76 -21.59
N ILE K 147 30.90 -36.97 -22.62
CA ILE K 147 30.71 -35.54 -22.45
C ILE K 147 29.43 -35.13 -23.17
N ALA K 148 28.87 -33.99 -22.75
CA ALA K 148 27.65 -33.47 -23.35
C ALA K 148 27.98 -32.66 -24.59
N GLY K 149 27.01 -31.90 -25.10
CA GLY K 149 27.26 -31.09 -26.27
C GLY K 149 26.17 -30.06 -26.46
N ILE K 150 26.35 -29.20 -27.45
CA ILE K 150 25.38 -28.20 -27.83
C ILE K 150 25.16 -28.34 -29.32
N LEU K 151 24.05 -28.96 -29.72
CA LEU K 151 23.75 -29.13 -31.13
C LEU K 151 23.15 -27.82 -31.65
N ALA K 152 24.05 -26.89 -31.97
CA ALA K 152 23.68 -25.50 -32.22
C ALA K 152 23.68 -25.15 -33.69
N ASP K 153 23.17 -26.01 -34.57
CA ASP K 153 23.12 -25.68 -35.99
C ASP K 153 22.19 -24.51 -36.25
N GLU K 154 22.49 -23.79 -37.34
CA GLU K 154 21.60 -22.73 -37.80
C GLU K 154 20.25 -23.33 -38.16
N MET K 155 19.19 -22.62 -37.80
CA MET K 155 17.85 -23.21 -37.75
C MET K 155 17.34 -23.53 -39.15
N GLY K 156 16.70 -24.69 -39.27
CA GLY K 156 16.14 -25.11 -40.54
C GLY K 156 16.55 -26.48 -41.00
N LEU K 157 17.70 -26.97 -40.53
CA LEU K 157 18.27 -28.20 -41.05
C LEU K 157 17.89 -29.43 -40.25
N GLY K 158 16.80 -29.38 -39.49
CA GLY K 158 16.30 -30.57 -38.85
C GLY K 158 17.14 -31.10 -37.71
N LYS K 159 17.23 -30.34 -36.62
CA LYS K 159 17.91 -30.86 -35.44
C LYS K 159 17.09 -31.94 -34.75
N THR K 160 15.79 -32.00 -35.05
CA THR K 160 14.93 -32.99 -34.42
C THR K 160 15.23 -34.39 -34.93
N LEU K 161 15.46 -34.54 -36.23
CA LEU K 161 15.77 -35.85 -36.80
C LEU K 161 17.12 -36.35 -36.32
N GLN K 162 18.08 -35.44 -36.17
CA GLN K 162 19.36 -35.81 -35.59
C GLN K 162 19.20 -36.16 -34.11
N THR K 163 18.20 -35.59 -33.45
CA THR K 163 17.93 -35.96 -32.07
C THR K 163 17.24 -37.30 -31.99
N ILE K 164 16.24 -37.54 -32.84
CA ILE K 164 15.43 -38.76 -32.77
C ILE K 164 16.24 -39.97 -33.21
N SER K 165 17.04 -39.83 -34.26
CA SER K 165 17.91 -40.93 -34.70
C SER K 165 19.00 -41.24 -33.69
N PHE K 166 19.35 -40.27 -32.84
CA PHE K 166 20.24 -40.54 -31.73
C PHE K 166 19.58 -41.42 -30.68
N LEU K 167 18.27 -41.30 -30.52
CA LEU K 167 17.56 -42.01 -29.45
C LEU K 167 17.55 -43.50 -29.71
N GLY K 168 16.99 -43.93 -30.84
CA GLY K 168 16.93 -45.34 -31.20
C GLY K 168 18.28 -45.96 -31.43
N TYR K 169 19.31 -45.16 -31.71
CA TYR K 169 20.67 -45.66 -31.68
C TYR K 169 21.04 -46.18 -30.29
N LEU K 170 20.60 -45.49 -29.24
CA LEU K 170 20.85 -45.99 -27.90
C LEU K 170 19.83 -47.04 -27.48
N ARG K 171 18.79 -47.28 -28.28
CA ARG K 171 17.85 -48.35 -28.00
C ARG K 171 18.18 -49.62 -28.76
N TYR K 172 18.65 -49.50 -30.01
CA TYR K 172 18.92 -50.66 -30.83
C TYR K 172 20.38 -51.09 -30.82
N ILE K 173 21.29 -50.30 -30.25
CA ILE K 173 22.70 -50.67 -30.24
C ILE K 173 23.23 -50.70 -28.81
N GLU K 174 23.10 -49.59 -28.07
CA GLU K 174 23.51 -49.61 -26.68
C GLU K 174 22.45 -50.20 -25.76
N LYS K 175 21.18 -50.13 -26.19
CA LYS K 175 20.08 -50.95 -25.67
C LYS K 175 19.73 -50.62 -24.21
N ILE K 176 19.64 -49.34 -23.89
CA ILE K 176 18.96 -48.87 -22.69
C ILE K 176 17.64 -48.24 -23.14
N PRO K 177 16.49 -48.78 -22.73
CA PRO K 177 15.21 -48.16 -23.14
C PRO K 177 15.02 -46.77 -22.55
N GLY K 178 15.27 -46.60 -21.25
CA GLY K 178 15.45 -45.30 -20.66
C GLY K 178 14.18 -44.52 -20.45
N PRO K 179 14.20 -43.55 -19.54
CA PRO K 179 13.04 -42.68 -19.36
C PRO K 179 13.04 -41.41 -20.21
N PHE K 180 14.21 -40.86 -20.56
CA PHE K 180 14.38 -39.88 -21.63
C PHE K 180 13.53 -38.61 -21.62
N LEU K 181 13.73 -37.73 -20.65
CA LEU K 181 12.98 -36.48 -20.56
C LEU K 181 13.41 -35.52 -21.66
N VAL K 182 12.43 -35.01 -22.41
CA VAL K 182 12.65 -33.86 -23.28
C VAL K 182 11.73 -32.76 -22.80
N ILE K 183 12.09 -31.52 -23.12
CA ILE K 183 11.35 -30.33 -22.69
C ILE K 183 11.35 -29.35 -23.86
N ALA K 184 10.18 -28.90 -24.27
CA ALA K 184 10.02 -27.97 -25.37
C ALA K 184 9.02 -26.90 -24.97
N PRO K 185 9.00 -25.75 -25.65
CA PRO K 185 7.94 -24.77 -25.41
C PRO K 185 6.58 -25.29 -25.82
N LYS K 186 5.55 -24.53 -25.45
CA LYS K 186 4.18 -25.04 -25.42
C LYS K 186 3.65 -25.31 -26.82
N SER K 187 3.98 -24.46 -27.79
CA SER K 187 3.44 -24.62 -29.13
C SER K 187 4.02 -25.84 -29.83
N THR K 188 5.30 -26.11 -29.64
CA THR K 188 6.00 -27.09 -30.46
C THR K 188 5.89 -28.50 -29.93
N LEU K 189 5.02 -28.74 -28.94
CA LEU K 189 4.93 -30.07 -28.36
C LEU K 189 4.30 -31.07 -29.31
N ASN K 190 3.33 -30.64 -30.11
CA ASN K 190 2.67 -31.55 -31.03
C ASN K 190 3.57 -31.92 -32.20
N ASN K 191 4.60 -31.12 -32.48
CA ASN K 191 5.51 -31.45 -33.56
C ASN K 191 6.41 -32.60 -33.18
N TRP K 192 6.68 -32.78 -31.88
CA TRP K 192 7.56 -33.86 -31.44
C TRP K 192 6.92 -35.22 -31.59
N LEU K 193 5.71 -35.41 -31.07
CA LEU K 193 5.14 -36.75 -31.00
C LEU K 193 4.68 -37.25 -32.37
N ARG K 194 4.48 -36.36 -33.33
CA ARG K 194 4.32 -36.83 -34.71
C ARG K 194 5.62 -37.43 -35.21
N GLU K 195 6.70 -36.65 -35.20
CA GLU K 195 7.93 -37.10 -35.82
C GLU K 195 8.70 -38.10 -34.98
N ILE K 196 8.32 -38.33 -33.73
CA ILE K 196 8.76 -39.57 -33.10
C ILE K 196 8.07 -40.76 -33.76
N ASN K 197 6.76 -40.66 -33.96
CA ASN K 197 6.02 -41.76 -34.57
C ASN K 197 6.09 -41.77 -36.08
N ARG K 198 6.49 -40.66 -36.71
CA ARG K 198 6.73 -40.68 -38.15
C ARG K 198 8.03 -41.41 -38.48
N TRP K 199 9.01 -41.33 -37.59
CA TRP K 199 10.34 -41.86 -37.84
C TRP K 199 10.64 -43.13 -37.04
N THR K 200 10.44 -43.12 -35.73
CA THR K 200 10.71 -44.30 -34.90
C THR K 200 9.43 -44.71 -34.18
N PRO K 201 8.54 -45.46 -34.84
CA PRO K 201 7.25 -45.79 -34.22
C PRO K 201 7.33 -46.83 -33.11
N ASP K 202 8.51 -47.38 -32.81
CA ASP K 202 8.64 -48.38 -31.77
C ASP K 202 8.92 -47.78 -30.40
N VAL K 203 8.70 -46.48 -30.21
CA VAL K 203 9.03 -45.80 -28.97
C VAL K 203 7.75 -45.18 -28.41
N ASN K 204 7.47 -45.46 -27.14
CA ASN K 204 6.31 -44.89 -26.47
C ASN K 204 6.60 -43.44 -26.08
N ALA K 205 5.54 -42.64 -25.92
CA ALA K 205 5.72 -41.22 -25.55
C ALA K 205 4.51 -40.59 -24.86
N PHE K 206 4.67 -39.34 -24.42
CA PHE K 206 3.61 -38.59 -23.74
C PHE K 206 3.39 -37.23 -24.40
N ILE K 207 2.69 -36.37 -23.66
CA ILE K 207 2.35 -35.00 -24.04
C ILE K 207 1.67 -34.57 -22.76
N LEU K 208 2.47 -34.57 -21.72
CA LEU K 208 2.05 -34.36 -20.34
C LEU K 208 1.34 -33.02 -20.27
N GLN K 209 0.01 -33.08 -20.25
CA GLN K 209 -0.84 -31.89 -20.28
C GLN K 209 -1.98 -32.08 -19.30
N GLY K 210 -2.98 -31.22 -19.41
CA GLY K 210 -4.21 -31.39 -18.66
C GLY K 210 -4.30 -30.49 -17.46
N ASP K 211 -5.31 -30.78 -16.66
CA ASP K 211 -5.60 -30.01 -15.45
C ASP K 211 -4.87 -30.67 -14.27
N LYS K 212 -5.11 -30.19 -13.05
CA LYS K 212 -4.53 -30.84 -11.87
C LYS K 212 -5.09 -32.24 -11.66
N GLU K 213 -6.28 -32.50 -12.17
CA GLU K 213 -6.79 -33.86 -12.22
C GLU K 213 -5.94 -34.71 -13.14
N GLU K 214 -5.87 -34.32 -14.41
CA GLU K 214 -5.43 -35.22 -15.47
C GLU K 214 -3.94 -35.44 -15.52
N ARG K 215 -3.18 -35.06 -14.49
CA ARG K 215 -1.78 -35.42 -14.43
C ARG K 215 -1.49 -36.50 -13.39
N ALA K 216 -2.38 -36.70 -12.43
CA ALA K 216 -2.16 -37.75 -11.43
C ALA K 216 -2.39 -39.15 -12.02
N GLU K 217 -3.31 -39.27 -12.99
CA GLU K 217 -3.49 -40.55 -13.66
C GLU K 217 -2.31 -40.85 -14.56
N LEU K 218 -1.72 -39.82 -15.17
CA LEU K 218 -0.57 -40.04 -16.03
C LEU K 218 0.65 -40.41 -15.21
N ILE K 219 0.93 -39.68 -14.14
CA ILE K 219 2.15 -39.92 -13.37
C ILE K 219 2.02 -41.17 -12.51
N GLN K 220 1.02 -41.18 -11.62
CA GLN K 220 0.96 -42.25 -10.62
C GLN K 220 0.53 -43.57 -11.25
N LYS K 221 -0.53 -43.55 -12.06
CA LYS K 221 -1.06 -44.81 -12.58
C LYS K 221 -0.32 -45.27 -13.84
N LYS K 222 0.12 -44.34 -14.69
CA LYS K 222 0.60 -44.72 -16.01
C LYS K 222 2.06 -44.36 -16.29
N LEU K 223 2.75 -43.68 -15.38
CA LEU K 223 4.19 -43.42 -15.50
C LEU K 223 5.00 -44.18 -14.47
N LEU K 224 4.58 -44.14 -13.21
CA LEU K 224 5.42 -44.57 -12.11
C LEU K 224 5.56 -46.08 -12.04
N GLY K 225 4.68 -46.83 -12.69
CA GLY K 225 4.78 -48.28 -12.71
C GLY K 225 5.66 -48.83 -13.82
N CYS K 226 6.51 -47.95 -14.40
CA CYS K 226 7.41 -48.25 -15.52
C CYS K 226 6.62 -48.78 -16.72
N ASP K 227 5.79 -47.89 -17.27
CA ASP K 227 4.80 -48.24 -18.29
C ASP K 227 4.92 -47.30 -19.48
N PHE K 228 6.14 -47.02 -19.93
CA PHE K 228 6.40 -45.89 -20.80
C PHE K 228 7.80 -46.01 -21.38
N ASP K 229 8.11 -45.12 -22.32
CA ASP K 229 9.51 -44.87 -22.68
C ASP K 229 9.92 -43.41 -22.49
N VAL K 230 9.22 -42.45 -23.10
CA VAL K 230 9.72 -41.08 -23.27
C VAL K 230 8.66 -40.10 -22.80
N VAL K 231 9.05 -39.15 -21.96
CA VAL K 231 8.15 -38.11 -21.47
C VAL K 231 8.45 -36.82 -22.22
N ILE K 232 7.41 -36.16 -22.70
CA ILE K 232 7.54 -34.87 -23.38
C ILE K 232 6.77 -33.85 -22.54
N ALA K 233 7.47 -33.16 -21.65
CA ALA K 233 6.86 -32.15 -20.80
C ALA K 233 7.07 -30.78 -21.42
N SER K 234 6.64 -29.73 -20.73
CA SER K 234 6.85 -28.38 -21.25
C SER K 234 7.83 -27.64 -20.34
N TYR K 235 8.03 -26.35 -20.61
CA TYR K 235 8.82 -25.51 -19.72
C TYR K 235 8.15 -25.33 -18.37
N GLU K 236 6.85 -25.05 -18.36
CA GLU K 236 6.22 -24.54 -17.15
C GLU K 236 5.31 -25.55 -16.49
N ILE K 237 5.31 -26.80 -16.94
CA ILE K 237 4.73 -27.87 -16.14
C ILE K 237 5.83 -28.60 -15.37
N ILE K 238 7.09 -28.48 -15.81
CA ILE K 238 8.18 -29.12 -15.10
C ILE K 238 8.46 -28.44 -13.76
N ILE K 239 7.95 -27.22 -13.56
CA ILE K 239 8.03 -26.62 -12.24
C ILE K 239 6.92 -27.14 -11.34
N ARG K 240 5.69 -27.17 -11.84
CA ARG K 240 4.55 -27.53 -11.01
C ARG K 240 4.43 -29.02 -10.75
N GLU K 241 5.22 -29.86 -11.42
CA GLU K 241 5.16 -31.29 -11.17
C GLU K 241 6.56 -31.83 -10.93
N LYS K 242 7.41 -31.05 -10.27
CA LYS K 242 8.79 -31.49 -10.08
C LYS K 242 8.89 -32.57 -9.03
N SER K 243 7.95 -32.62 -8.09
CA SER K 243 8.11 -33.55 -6.99
C SER K 243 7.88 -35.02 -7.36
N PRO K 244 6.93 -35.41 -8.24
CA PRO K 244 6.94 -36.81 -8.67
C PRO K 244 7.79 -37.08 -9.91
N LEU K 245 8.68 -36.16 -10.27
CA LEU K 245 9.57 -36.41 -11.40
C LEU K 245 11.04 -36.47 -11.01
N LYS K 246 11.38 -36.25 -9.74
CA LYS K 246 12.76 -36.38 -9.31
C LYS K 246 13.16 -37.81 -9.00
N LYS K 247 12.18 -38.70 -8.86
CA LYS K 247 12.45 -40.06 -8.40
C LYS K 247 13.24 -40.85 -9.43
N ILE K 248 12.97 -40.63 -10.70
CA ILE K 248 13.54 -41.45 -11.74
C ILE K 248 14.89 -40.89 -12.12
N ASN K 249 15.90 -41.75 -12.22
CA ASN K 249 17.15 -41.35 -12.83
C ASN K 249 17.00 -41.37 -14.34
N TRP K 250 17.33 -40.26 -14.98
CA TRP K 250 17.10 -40.09 -16.40
C TRP K 250 18.34 -40.54 -17.17
N GLU K 251 18.22 -40.50 -18.49
CA GLU K 251 19.35 -40.72 -19.38
C GLU K 251 19.79 -39.43 -20.05
N TYR K 252 18.84 -38.62 -20.50
CA TYR K 252 19.13 -37.31 -21.05
C TYR K 252 18.02 -36.35 -20.65
N ILE K 253 18.38 -35.09 -20.46
CA ILE K 253 17.36 -34.05 -20.38
C ILE K 253 17.49 -33.24 -21.66
N ILE K 254 16.78 -33.64 -22.70
CA ILE K 254 16.99 -33.05 -24.03
C ILE K 254 16.15 -31.78 -24.07
N ILE K 255 16.73 -30.71 -23.55
CA ILE K 255 16.07 -29.41 -23.57
C ILE K 255 16.11 -28.88 -25.00
N ASP K 256 15.01 -28.29 -25.44
CA ASP K 256 14.92 -27.74 -26.78
C ASP K 256 14.64 -26.26 -26.68
N GLU K 257 15.13 -25.52 -27.67
CA GLU K 257 15.07 -24.06 -27.74
C GLU K 257 15.64 -23.43 -26.47
N ALA K 258 16.87 -23.84 -26.15
CA ALA K 258 17.47 -23.54 -24.86
C ALA K 258 17.93 -22.09 -24.84
N HIS K 259 16.97 -21.20 -24.68
CA HIS K 259 17.26 -19.80 -24.43
C HIS K 259 16.54 -19.30 -23.20
N ARG K 260 15.80 -20.17 -22.52
CA ARG K 260 15.20 -19.86 -21.24
C ARG K 260 16.19 -20.05 -20.11
N ILE K 261 17.33 -20.70 -20.38
CA ILE K 261 18.33 -20.97 -19.36
C ILE K 261 19.44 -19.92 -19.38
N LYS K 262 19.20 -18.80 -20.07
CA LYS K 262 20.19 -17.74 -20.14
C LYS K 262 20.30 -16.91 -18.87
N ASN K 263 19.44 -17.12 -17.89
CA ASN K 263 19.57 -16.41 -16.63
C ASN K 263 20.27 -17.30 -15.61
N GLU K 264 20.96 -16.65 -14.67
CA GLU K 264 21.77 -17.41 -13.71
C GLU K 264 20.94 -17.90 -12.54
N GLU K 265 19.93 -17.14 -12.12
CA GLU K 265 19.09 -17.50 -10.99
C GLU K 265 17.61 -17.39 -11.34
N SER K 266 17.26 -17.83 -12.55
CA SER K 266 15.84 -17.94 -12.87
C SER K 266 15.25 -19.18 -12.19
N MET K 267 13.93 -19.31 -12.30
CA MET K 267 13.26 -20.42 -11.65
C MET K 267 13.55 -21.73 -12.37
N LEU K 268 13.51 -21.71 -13.70
CA LEU K 268 13.71 -22.95 -14.46
C LEU K 268 15.17 -23.36 -14.48
N SER K 269 16.09 -22.41 -14.41
CA SER K 269 17.49 -22.78 -14.29
C SER K 269 17.81 -23.28 -12.89
N GLN K 270 16.98 -22.96 -11.91
CA GLN K 270 17.25 -23.40 -10.56
C GLN K 270 16.78 -24.83 -10.32
N VAL K 271 15.71 -25.25 -11.01
CA VAL K 271 15.23 -26.61 -10.85
C VAL K 271 16.11 -27.58 -11.61
N LEU K 272 16.69 -27.15 -12.72
CA LEU K 272 17.44 -28.07 -13.57
C LEU K 272 18.88 -28.28 -13.13
N ARG K 273 19.20 -28.05 -11.86
CA ARG K 273 20.43 -28.55 -11.27
C ARG K 273 20.14 -29.56 -10.16
N GLU K 274 18.89 -29.98 -10.02
CA GLU K 274 18.49 -30.98 -9.04
C GLU K 274 18.17 -32.32 -9.68
N PHE K 275 17.72 -32.34 -10.93
CA PHE K 275 17.54 -33.57 -11.68
C PHE K 275 18.86 -34.33 -11.82
N THR K 276 18.74 -35.65 -11.91
CA THR K 276 19.88 -36.55 -11.95
C THR K 276 19.79 -37.39 -13.22
N SER K 277 20.88 -37.43 -13.99
CA SER K 277 20.92 -38.19 -15.23
C SER K 277 22.36 -38.44 -15.62
N ARG K 278 22.54 -39.03 -16.80
CA ARG K 278 23.88 -39.21 -17.36
C ARG K 278 24.36 -37.93 -18.02
N ASN K 279 23.66 -37.49 -19.06
CA ASN K 279 24.08 -36.37 -19.88
C ASN K 279 22.90 -35.41 -20.05
N ARG K 280 23.19 -34.29 -20.70
CA ARG K 280 22.20 -33.24 -20.94
C ARG K 280 22.47 -32.62 -22.31
N LEU K 281 21.79 -33.11 -23.35
CA LEU K 281 21.94 -32.53 -24.68
C LEU K 281 21.17 -31.22 -24.74
N LEU K 282 21.90 -30.12 -24.60
CA LEU K 282 21.25 -28.81 -24.59
C LEU K 282 21.05 -28.35 -26.03
N ILE K 283 20.22 -29.06 -26.78
CA ILE K 283 20.11 -28.88 -28.23
C ILE K 283 19.29 -27.63 -28.49
N THR K 284 19.96 -26.59 -28.99
CA THR K 284 19.36 -25.27 -29.07
C THR K 284 19.52 -24.73 -30.50
N GLY K 285 18.99 -23.54 -30.72
CA GLY K 285 19.02 -22.97 -32.06
C GLY K 285 20.16 -22.01 -32.28
N THR K 286 20.34 -21.06 -31.37
CA THR K 286 21.32 -20.00 -31.56
C THR K 286 22.38 -20.03 -30.47
N PRO K 287 23.54 -19.47 -30.74
CA PRO K 287 24.50 -19.14 -29.68
C PRO K 287 24.08 -17.95 -28.83
N LEU K 288 25.07 -17.38 -28.13
CA LEU K 288 24.93 -16.23 -27.24
C LEU K 288 24.11 -15.10 -27.85
N GLN K 289 23.46 -14.32 -26.98
CA GLN K 289 22.55 -13.28 -27.42
C GLN K 289 23.06 -11.87 -27.13
N ASN K 290 23.36 -11.56 -25.87
CA ASN K 290 23.80 -10.22 -25.50
C ASN K 290 25.25 -10.19 -25.03
N ASN K 291 25.56 -10.93 -23.98
CA ASN K 291 26.85 -10.92 -23.33
C ASN K 291 27.64 -12.15 -23.73
N LEU K 292 28.75 -12.37 -23.04
CA LEU K 292 29.29 -13.70 -22.89
C LEU K 292 29.28 -14.13 -21.42
N HIS K 293 28.50 -13.41 -20.59
CA HIS K 293 28.03 -13.97 -19.33
C HIS K 293 26.94 -15.00 -19.56
N GLU K 294 26.35 -15.02 -20.76
CA GLU K 294 25.32 -15.99 -21.08
C GLU K 294 25.89 -17.39 -21.23
N LEU K 295 26.83 -17.56 -22.17
CA LEU K 295 27.07 -18.86 -22.76
C LEU K 295 27.76 -19.84 -21.81
N TRP K 296 28.40 -19.34 -20.75
CA TRP K 296 28.91 -20.29 -19.77
C TRP K 296 27.79 -20.84 -18.91
N ALA K 297 26.73 -20.06 -18.68
CA ALA K 297 25.57 -20.58 -17.95
C ALA K 297 24.85 -21.64 -18.77
N LEU K 298 24.92 -21.55 -20.09
CA LEU K 298 24.53 -22.68 -20.92
C LEU K 298 25.51 -23.83 -20.74
N LEU K 299 26.79 -23.51 -20.55
CA LEU K 299 27.81 -24.56 -20.48
C LEU K 299 27.99 -25.09 -19.06
N ASN K 300 27.63 -24.30 -18.05
CA ASN K 300 27.65 -24.79 -16.67
C ASN K 300 26.64 -25.91 -16.48
N PHE K 301 25.40 -25.69 -16.94
CA PHE K 301 24.37 -26.69 -16.70
C PHE K 301 24.46 -27.87 -17.66
N LEU K 302 25.31 -27.80 -18.69
CA LEU K 302 25.72 -28.99 -19.41
C LEU K 302 26.52 -29.94 -18.53
N LEU K 303 27.71 -29.48 -18.17
CA LEU K 303 28.74 -30.29 -17.54
C LEU K 303 29.34 -29.48 -16.40
N PRO K 304 29.07 -29.84 -15.14
CA PRO K 304 29.64 -29.07 -14.03
C PRO K 304 31.13 -29.26 -13.85
N ASP K 305 31.72 -30.27 -14.48
CA ASP K 305 33.13 -30.56 -14.31
C ASP K 305 34.03 -29.65 -15.14
N ILE K 306 33.47 -28.80 -16.00
CA ILE K 306 34.32 -27.91 -16.80
C ILE K 306 34.65 -26.64 -16.03
N PHE K 307 33.62 -25.90 -15.62
CA PHE K 307 33.86 -24.69 -14.83
C PHE K 307 33.35 -24.80 -13.41
N SER K 308 32.03 -24.95 -13.25
CA SER K 308 31.28 -24.71 -12.00
C SER K 308 31.68 -23.41 -11.29
N ASP K 309 32.09 -22.37 -12.04
CA ASP K 309 32.72 -21.19 -11.48
C ASP K 309 32.30 -19.96 -12.28
N ALA K 310 31.79 -18.95 -11.57
CA ALA K 310 31.27 -17.75 -12.20
C ALA K 310 32.36 -16.71 -12.40
N GLN K 311 33.01 -16.31 -11.31
CA GLN K 311 34.04 -15.28 -11.36
C GLN K 311 35.25 -15.72 -12.18
N ASP K 312 35.52 -17.02 -12.21
CA ASP K 312 36.62 -17.59 -12.98
C ASP K 312 36.26 -17.86 -14.44
N PHE K 313 35.15 -17.31 -14.94
CA PHE K 313 34.89 -17.31 -16.37
C PHE K 313 35.04 -15.95 -17.00
N ASP K 314 34.78 -14.88 -16.24
CA ASP K 314 34.73 -13.53 -16.80
C ASP K 314 36.09 -13.08 -17.32
N ASP K 315 37.16 -13.47 -16.65
CA ASP K 315 38.51 -13.16 -17.11
C ASP K 315 39.27 -14.43 -17.51
N TRP K 316 38.54 -15.52 -17.77
CA TRP K 316 39.12 -16.77 -18.24
C TRP K 316 39.68 -16.65 -19.64
N PHE K 317 39.23 -15.64 -20.39
CA PHE K 317 39.64 -15.41 -21.77
C PHE K 317 39.77 -13.93 -22.07
N SER K 318 39.77 -13.08 -21.04
CA SER K 318 39.80 -11.62 -21.04
C SER K 318 38.52 -10.99 -21.61
N SER K 319 37.35 -11.61 -21.39
CA SER K 319 36.04 -10.93 -21.36
C SER K 319 35.57 -10.39 -22.72
N GLU K 320 36.21 -10.80 -23.81
CA GLU K 320 35.91 -10.36 -25.18
C GLU K 320 35.98 -8.84 -25.33
N SER K 321 37.21 -8.32 -25.23
CA SER K 321 37.60 -7.01 -25.78
C SER K 321 36.91 -5.86 -25.06
N THR K 322 37.12 -5.77 -23.76
CA THR K 322 36.86 -4.53 -23.04
C THR K 322 38.13 -3.75 -22.75
N GLU K 323 39.26 -4.16 -23.36
CA GLU K 323 40.54 -3.51 -23.14
C GLU K 323 41.14 -2.90 -24.40
N GLU K 324 41.33 -3.69 -25.48
CA GLU K 324 41.97 -3.12 -26.66
C GLU K 324 41.42 -3.58 -28.01
N ASP K 325 40.38 -4.42 -28.06
CA ASP K 325 39.75 -4.93 -29.29
C ASP K 325 40.79 -5.68 -30.15
N GLN K 326 41.26 -6.80 -29.62
CA GLN K 326 42.52 -7.41 -30.05
C GLN K 326 42.37 -8.41 -31.20
N ASP K 327 41.26 -9.16 -31.23
CA ASP K 327 41.02 -10.30 -32.13
C ASP K 327 42.03 -11.44 -31.95
N LYS K 328 42.75 -11.44 -30.83
CA LYS K 328 43.41 -12.62 -30.28
C LYS K 328 42.65 -13.15 -29.08
N ILE K 329 41.83 -12.27 -28.48
CA ILE K 329 40.98 -12.61 -27.35
C ILE K 329 39.96 -13.66 -27.73
N VAL K 330 39.43 -13.60 -28.96
CA VAL K 330 38.46 -14.59 -29.38
C VAL K 330 39.12 -15.90 -29.80
N LYS K 331 40.45 -15.91 -29.97
CA LYS K 331 41.14 -17.14 -30.31
C LYS K 331 41.27 -18.04 -29.09
N GLN K 332 41.57 -17.45 -27.94
CA GLN K 332 41.79 -18.25 -26.72
C GLN K 332 40.48 -18.77 -26.16
N LEU K 333 39.36 -18.16 -26.56
CA LEU K 333 38.07 -18.82 -26.44
C LEU K 333 38.04 -20.12 -27.24
N HIS K 334 38.17 -20.00 -28.55
CA HIS K 334 37.71 -20.99 -29.51
C HIS K 334 38.72 -22.11 -29.76
N THR K 335 39.59 -22.39 -28.80
CA THR K 335 40.37 -23.62 -28.81
C THR K 335 39.87 -24.62 -27.78
N VAL K 336 38.70 -24.40 -27.20
CA VAL K 336 38.09 -25.32 -26.25
C VAL K 336 36.68 -25.72 -26.68
N LEU K 337 36.04 -24.92 -27.51
CA LEU K 337 34.61 -25.11 -27.77
C LEU K 337 34.31 -25.12 -29.26
N GLN K 338 35.36 -25.14 -30.09
CA GLN K 338 35.07 -25.44 -31.48
C GLN K 338 34.90 -26.94 -31.71
N PRO K 339 35.77 -27.86 -31.17
CA PRO K 339 35.37 -29.28 -31.17
C PRO K 339 34.59 -29.67 -29.94
N PHE K 340 33.65 -28.83 -29.51
CA PHE K 340 32.80 -29.12 -28.36
C PHE K 340 31.40 -28.58 -28.66
N LEU K 341 31.21 -28.15 -29.90
CA LEU K 341 29.98 -27.49 -30.32
C LEU K 341 29.83 -27.65 -31.83
N LEU K 342 28.59 -27.70 -32.31
CA LEU K 342 28.39 -27.91 -33.74
C LEU K 342 27.52 -26.81 -34.30
N ARG K 343 27.93 -26.25 -35.44
CA ARG K 343 27.21 -25.15 -36.08
C ARG K 343 27.63 -25.12 -37.54
N ARG K 344 26.67 -25.05 -38.44
CA ARG K 344 26.99 -25.16 -39.85
C ARG K 344 26.44 -23.98 -40.65
N ILE K 345 27.16 -23.67 -41.74
CA ILE K 345 26.85 -22.55 -42.62
C ILE K 345 25.59 -22.90 -43.42
N LYS K 346 24.75 -21.90 -43.67
CA LYS K 346 23.55 -22.10 -44.45
C LYS K 346 23.87 -22.49 -45.89
N SER K 347 24.68 -21.69 -46.58
CA SER K 347 24.90 -21.92 -48.01
C SER K 347 25.86 -23.07 -48.25
N ASP K 348 26.52 -23.55 -47.20
CA ASP K 348 27.23 -24.82 -47.27
C ASP K 348 26.27 -25.96 -47.62
N VAL K 349 25.07 -25.92 -47.04
CA VAL K 349 24.16 -27.05 -47.10
C VAL K 349 23.07 -26.85 -48.15
N GLU K 350 22.85 -25.59 -48.61
CA GLU K 350 21.71 -25.16 -49.42
C GLU K 350 20.42 -25.54 -48.73
N THR K 351 20.15 -24.90 -47.59
CA THR K 351 19.06 -25.29 -46.70
C THR K 351 17.70 -25.07 -47.36
N SER K 352 17.53 -23.92 -48.02
CA SER K 352 16.29 -23.60 -48.72
C SER K 352 16.46 -23.56 -50.23
N LEU K 353 17.68 -23.79 -50.74
CA LEU K 353 18.04 -23.61 -52.15
C LEU K 353 17.74 -22.19 -52.65
N LEU K 354 17.78 -21.21 -51.74
CA LEU K 354 17.34 -19.85 -51.99
C LEU K 354 17.79 -18.94 -50.85
N PRO K 355 18.37 -17.78 -51.14
CA PRO K 355 18.62 -16.79 -50.08
C PRO K 355 17.39 -15.96 -49.77
N LYS K 356 17.54 -15.10 -48.77
CA LYS K 356 16.48 -14.22 -48.29
C LYS K 356 16.85 -12.76 -48.51
N LYS K 357 15.84 -11.89 -48.48
CA LYS K 357 16.02 -10.46 -48.71
C LYS K 357 15.24 -9.66 -47.67
N GLU K 358 15.95 -9.07 -46.70
CA GLU K 358 15.32 -8.18 -45.73
C GLU K 358 15.15 -6.80 -46.34
N LEU K 359 13.94 -6.26 -46.21
CA LEU K 359 13.59 -4.97 -46.79
C LEU K 359 13.10 -4.05 -45.68
N ASN K 360 13.42 -2.76 -45.81
CA ASN K 360 12.96 -1.74 -44.88
C ASN K 360 12.05 -0.77 -45.61
N LEU K 361 10.99 -0.34 -44.95
CA LEU K 361 9.96 0.48 -45.56
C LEU K 361 9.67 1.64 -44.61
N TYR K 362 10.31 2.77 -44.84
CA TYR K 362 10.15 3.93 -43.97
C TYR K 362 8.78 4.55 -44.18
N VAL K 363 8.05 4.79 -43.09
CA VAL K 363 6.73 5.41 -43.14
C VAL K 363 6.72 6.65 -42.27
N GLY K 364 5.73 7.52 -42.52
CA GLY K 364 5.59 8.78 -41.82
C GLY K 364 4.38 8.80 -40.92
N MET K 365 4.48 9.54 -39.82
CA MET K 365 3.45 9.56 -38.79
C MET K 365 2.25 10.40 -39.20
N SER K 366 1.07 9.99 -38.75
CA SER K 366 -0.12 10.81 -38.91
C SER K 366 -0.16 11.88 -37.83
N SER K 367 -0.94 12.92 -38.08
CA SER K 367 -0.99 14.06 -37.17
C SER K 367 -1.73 13.75 -35.88
N MET K 368 -2.61 12.74 -35.89
CA MET K 368 -3.35 12.39 -34.68
C MET K 368 -2.43 11.81 -33.63
N GLN K 369 -1.60 10.84 -34.02
CA GLN K 369 -0.62 10.30 -33.09
C GLN K 369 0.51 11.26 -32.81
N LYS K 370 0.71 12.30 -33.64
CA LYS K 370 1.66 13.34 -33.30
C LYS K 370 1.15 14.23 -32.18
N LYS K 371 -0.17 14.43 -32.08
CA LYS K 371 -0.72 15.17 -30.94
C LYS K 371 -0.58 14.37 -29.66
N TRP K 372 -0.74 13.05 -29.75
CA TRP K 372 -0.43 12.17 -28.63
C TRP K 372 1.06 12.16 -28.33
N TYR K 373 1.89 12.32 -29.35
CA TYR K 373 3.34 12.21 -29.18
C TYR K 373 3.88 13.34 -28.32
N LYS K 374 3.43 14.57 -28.57
CA LYS K 374 3.92 15.68 -27.78
C LYS K 374 3.24 15.79 -26.43
N LYS K 375 2.23 14.97 -26.17
CA LYS K 375 1.69 14.80 -24.83
C LYS K 375 2.40 13.69 -24.07
N ILE K 376 3.49 13.17 -24.62
CA ILE K 376 4.35 12.22 -23.94
C ILE K 376 5.70 12.84 -23.59
N LEU K 377 6.23 13.68 -24.48
CA LEU K 377 7.47 14.37 -24.17
C LEU K 377 7.21 15.61 -23.31
N GLU K 378 6.48 16.59 -23.85
CA GLU K 378 6.13 17.79 -23.10
C GLU K 378 5.00 17.54 -22.12
N LYS K 379 4.23 16.47 -22.32
CA LYS K 379 3.20 15.97 -21.40
C LYS K 379 2.08 16.99 -21.18
N ASP K 380 1.39 17.31 -22.27
CA ASP K 380 0.15 18.07 -22.15
C ASP K 380 -0.99 17.16 -21.71
N GLU K 392 -10.14 10.04 -21.88
CA GLU K 392 -9.16 9.77 -22.93
C GLU K 392 -7.78 10.28 -22.54
N SER K 393 -7.74 11.49 -22.00
CA SER K 393 -6.49 12.06 -21.52
C SER K 393 -6.26 11.63 -20.06
N LYS K 394 -5.09 12.01 -19.53
CA LYS K 394 -4.63 11.71 -18.17
C LYS K 394 -4.60 10.21 -17.90
N THR K 395 -3.71 9.54 -18.62
CA THR K 395 -3.47 8.12 -18.41
C THR K 395 -2.16 7.93 -17.63
N ARG K 396 -1.84 6.68 -17.34
CA ARG K 396 -0.56 6.35 -16.71
C ARG K 396 0.52 6.31 -17.77
N LEU K 397 1.34 7.35 -17.81
CA LEU K 397 2.42 7.47 -18.78
C LEU K 397 3.78 7.34 -18.10
N LEU K 398 3.88 6.41 -17.15
CA LEU K 398 5.05 6.28 -16.30
C LEU K 398 6.23 5.58 -16.95
N ASN K 399 6.11 5.15 -18.20
CA ASN K 399 7.24 4.60 -18.94
C ASN K 399 7.32 5.34 -20.27
N ILE K 400 8.54 5.70 -20.67
CA ILE K 400 8.68 6.49 -21.88
C ILE K 400 8.94 5.62 -23.09
N MET K 401 9.86 4.65 -22.98
CA MET K 401 10.21 3.81 -24.13
C MET K 401 9.11 2.81 -24.49
N MET K 402 8.14 2.59 -23.62
CA MET K 402 7.10 1.61 -23.90
C MET K 402 5.82 2.24 -24.41
N GLN K 403 5.47 3.44 -23.93
CA GLN K 403 4.31 4.12 -24.47
C GLN K 403 4.56 4.61 -25.89
N LEU K 404 5.78 5.03 -26.20
CA LEU K 404 6.12 5.44 -27.55
C LEU K 404 6.22 4.26 -28.50
N ARG K 405 6.46 3.06 -27.98
CA ARG K 405 6.37 1.86 -28.81
C ARG K 405 4.93 1.59 -29.22
N LYS K 406 3.96 2.05 -28.42
CA LYS K 406 2.56 1.94 -28.80
C LYS K 406 2.17 2.97 -29.84
N CYS K 407 2.50 4.24 -29.57
CA CYS K 407 1.92 5.34 -30.34
C CYS K 407 2.51 5.42 -31.74
N CYS K 408 3.74 4.98 -31.91
CA CYS K 408 4.31 4.92 -33.26
C CYS K 408 4.08 3.57 -33.92
N ASN K 409 3.10 2.79 -33.47
CA ASN K 409 2.67 1.58 -34.17
C ASN K 409 1.20 1.61 -34.54
N HIS K 410 0.32 1.94 -33.60
CA HIS K 410 -1.10 2.05 -33.89
C HIS K 410 -1.73 2.94 -32.83
N PRO K 411 -2.62 3.86 -33.21
CA PRO K 411 -2.99 4.95 -32.30
C PRO K 411 -3.95 4.59 -31.19
N TYR K 412 -4.86 3.65 -31.44
CA TYR K 412 -6.02 3.47 -30.57
C TYR K 412 -5.71 2.78 -29.23
N LEU K 413 -4.44 2.54 -28.92
CA LEU K 413 -4.05 1.80 -27.74
C LEU K 413 -4.14 2.62 -26.46
N PHE K 414 -4.46 3.91 -26.56
CA PHE K 414 -4.58 4.77 -25.40
C PHE K 414 -6.00 4.84 -24.86
N ASP K 415 -6.86 3.89 -25.25
CA ASP K 415 -8.15 3.61 -24.63
C ASP K 415 -9.11 4.81 -24.73
N GLY K 416 -9.53 5.09 -25.96
CA GLY K 416 -10.51 6.15 -26.17
C GLY K 416 -10.37 6.90 -27.47
N ALA K 417 -9.31 6.63 -28.24
CA ALA K 417 -9.13 7.30 -29.52
C ALA K 417 -10.13 6.85 -30.58
N GLU K 418 -10.85 5.77 -30.35
CA GLU K 418 -11.94 5.38 -31.23
C GLU K 418 -13.07 6.38 -31.08
N PRO K 419 -13.58 6.95 -32.16
CA PRO K 419 -14.60 7.99 -32.04
C PRO K 419 -16.02 7.45 -32.14
N GLY K 420 -16.95 8.21 -31.56
CA GLY K 420 -18.36 8.06 -31.84
C GLY K 420 -19.12 7.09 -30.95
N PRO K 421 -19.71 6.06 -31.55
CA PRO K 421 -20.51 5.09 -30.79
C PRO K 421 -19.64 4.23 -29.89
N PRO K 422 -20.24 3.46 -28.94
CA PRO K 422 -19.41 2.58 -28.11
C PRO K 422 -18.75 1.45 -28.88
N TYR K 423 -19.31 1.06 -30.02
CA TYR K 423 -18.58 0.22 -30.94
C TYR K 423 -18.98 0.44 -32.39
N THR K 424 -18.00 0.49 -33.28
CA THR K 424 -18.25 0.73 -34.68
C THR K 424 -16.92 0.82 -35.41
N THR K 425 -16.76 0.03 -36.46
CA THR K 425 -15.50 -0.01 -37.18
C THR K 425 -15.21 1.19 -38.08
N ASP K 426 -15.62 1.10 -39.35
CA ASP K 426 -15.28 2.16 -40.32
C ASP K 426 -13.93 1.97 -41.05
N GLU K 427 -14.00 2.16 -42.36
CA GLU K 427 -12.86 2.05 -43.25
C GLU K 427 -11.79 3.07 -42.90
N HIS K 428 -12.13 3.97 -41.97
CA HIS K 428 -11.21 5.02 -41.55
C HIS K 428 -10.02 4.51 -40.74
N LEU K 429 -10.19 3.34 -40.12
CA LEU K 429 -9.17 2.67 -39.33
C LEU K 429 -7.81 2.69 -40.02
N VAL K 430 -7.79 2.73 -41.35
CA VAL K 430 -6.49 2.79 -42.00
C VAL K 430 -6.05 4.25 -42.19
N TYR K 431 -6.94 5.17 -41.84
CA TYR K 431 -6.69 6.58 -41.96
C TYR K 431 -5.76 7.05 -40.85
N ASN K 432 -6.22 6.87 -39.61
CA ASN K 432 -5.47 7.28 -38.43
C ASN K 432 -4.12 6.58 -38.30
N ALA K 433 -4.12 5.26 -38.43
CA ALA K 433 -2.91 4.47 -38.29
C ALA K 433 -1.97 4.71 -39.46
N ALA K 434 -0.70 4.95 -39.15
CA ALA K 434 0.24 5.31 -40.19
C ALA K 434 0.65 4.11 -41.02
N LYS K 435 0.49 2.90 -40.51
CA LYS K 435 1.00 1.73 -41.21
C LYS K 435 -0.07 0.91 -41.90
N LEU K 436 -1.36 1.11 -41.60
CA LEU K 436 -2.38 0.28 -42.21
C LEU K 436 -2.60 0.60 -43.69
N GLN K 437 -2.44 1.88 -44.08
CA GLN K 437 -2.36 2.18 -45.49
C GLN K 437 -1.12 1.57 -46.12
N VAL K 438 -0.06 1.41 -45.33
CA VAL K 438 1.15 0.78 -45.83
C VAL K 438 1.02 -0.73 -45.77
N LEU K 439 0.31 -1.25 -44.78
CA LEU K 439 0.14 -2.70 -44.66
C LEU K 439 -0.77 -3.24 -45.75
N ASP K 440 -1.95 -2.63 -45.91
CA ASP K 440 -2.99 -3.26 -46.72
C ASP K 440 -2.74 -3.07 -48.21
N LYS K 441 -2.11 -1.96 -48.59
CA LYS K 441 -1.63 -1.81 -49.96
C LYS K 441 -0.56 -2.86 -50.27
N LEU K 442 0.31 -3.15 -49.30
CA LEU K 442 1.25 -4.24 -49.45
C LEU K 442 0.51 -5.59 -49.50
N LEU K 443 -0.57 -5.72 -48.72
CA LEU K 443 -1.30 -6.98 -48.74
C LEU K 443 -2.09 -7.15 -50.03
N LYS K 444 -2.77 -6.11 -50.49
CA LYS K 444 -3.51 -6.22 -51.75
C LYS K 444 -2.59 -6.24 -52.97
N LYS K 445 -1.31 -5.91 -52.81
CA LYS K 445 -0.32 -6.38 -53.77
C LYS K 445 -0.25 -7.90 -53.76
N LEU K 446 -0.12 -8.48 -52.56
CA LEU K 446 0.18 -9.90 -52.44
C LEU K 446 -1.00 -10.80 -52.77
N LYS K 447 -2.24 -10.29 -52.65
CA LYS K 447 -3.38 -11.07 -53.08
C LYS K 447 -3.41 -11.18 -54.60
N GLU K 448 -2.97 -10.13 -55.29
CA GLU K 448 -2.91 -10.15 -56.75
C GLU K 448 -1.80 -11.06 -57.27
N GLU K 449 -0.81 -11.39 -56.43
CA GLU K 449 0.25 -12.30 -56.81
C GLU K 449 -0.04 -13.74 -56.41
N GLY K 450 -1.07 -13.97 -55.61
CA GLY K 450 -1.37 -15.32 -55.16
C GLY K 450 -0.36 -15.82 -54.15
N SER K 451 -0.36 -15.22 -52.95
CA SER K 451 0.60 -15.56 -51.92
C SER K 451 -0.09 -15.57 -50.57
N ARG K 452 0.61 -16.07 -49.56
CA ARG K 452 0.11 -16.15 -48.20
C ARG K 452 1.15 -15.59 -47.24
N VAL K 453 0.70 -14.76 -46.30
CA VAL K 453 1.60 -13.95 -45.48
C VAL K 453 1.60 -14.51 -44.07
N LEU K 454 2.61 -14.12 -43.30
CA LEU K 454 2.68 -14.39 -41.86
C LEU K 454 2.97 -13.09 -41.14
N ILE K 455 2.04 -12.64 -40.31
CA ILE K 455 2.16 -11.37 -39.62
C ILE K 455 2.58 -11.63 -38.19
N PHE K 456 3.67 -11.02 -37.74
CA PHE K 456 4.12 -11.15 -36.37
C PHE K 456 3.84 -9.86 -35.63
N SER K 457 4.15 -9.86 -34.34
CA SER K 457 3.99 -8.68 -33.51
C SER K 457 4.88 -8.84 -32.29
N GLN K 458 4.85 -7.85 -31.42
CA GLN K 458 5.41 -7.99 -30.08
C GLN K 458 4.40 -7.76 -29.00
N MET K 459 3.51 -6.79 -29.16
CA MET K 459 2.40 -6.60 -28.25
C MET K 459 1.20 -7.41 -28.71
N SER K 460 0.52 -8.04 -27.76
CA SER K 460 -0.61 -8.89 -28.10
C SER K 460 -1.82 -8.07 -28.51
N ARG K 461 -2.03 -6.91 -27.87
CA ARG K 461 -3.24 -6.13 -28.09
C ARG K 461 -3.34 -5.56 -29.49
N LEU K 462 -2.21 -5.38 -30.17
CA LEU K 462 -2.25 -4.87 -31.53
C LEU K 462 -2.86 -5.88 -32.50
N LEU K 463 -2.84 -7.16 -32.15
CA LEU K 463 -3.55 -8.15 -32.94
C LEU K 463 -5.06 -8.00 -32.85
N ASP K 464 -5.57 -7.43 -31.74
CA ASP K 464 -7.00 -7.24 -31.60
C ASP K 464 -7.55 -6.28 -32.63
N ILE K 465 -6.72 -5.34 -33.08
CA ILE K 465 -7.12 -4.43 -34.13
C ILE K 465 -7.01 -5.11 -35.49
N LEU K 466 -5.95 -5.86 -35.72
CA LEU K 466 -5.80 -6.55 -37.00
C LEU K 466 -6.78 -7.71 -37.14
N GLU K 467 -7.20 -8.31 -36.02
CA GLU K 467 -8.24 -9.33 -36.07
C GLU K 467 -9.56 -8.73 -36.51
N ASP K 468 -9.91 -7.57 -35.96
CA ASP K 468 -11.12 -6.87 -36.36
C ASP K 468 -10.97 -6.23 -37.73
N TYR K 469 -9.74 -6.07 -38.21
CA TYR K 469 -9.48 -5.43 -39.49
C TYR K 469 -9.85 -6.33 -40.65
N CYS K 470 -9.33 -7.55 -40.66
CA CYS K 470 -9.62 -8.49 -41.75
C CYS K 470 -11.00 -9.11 -41.64
N TYR K 471 -11.68 -8.83 -40.54
CA TYR K 471 -13.06 -9.25 -40.35
C TYR K 471 -13.98 -8.15 -40.92
N PHE K 472 -13.41 -6.95 -41.11
CA PHE K 472 -14.09 -5.78 -41.63
C PHE K 472 -13.87 -5.68 -43.14
N ARG K 473 -12.68 -6.02 -43.59
CA ARG K 473 -12.35 -5.96 -45.01
C ARG K 473 -12.22 -7.38 -45.57
N ASN K 474 -13.21 -8.20 -45.24
CA ASN K 474 -13.32 -9.61 -45.65
C ASN K 474 -12.02 -10.38 -45.89
N TYR K 475 -11.48 -10.95 -44.82
CA TYR K 475 -10.25 -11.74 -44.89
C TYR K 475 -10.31 -12.84 -43.86
N GLU K 476 -9.98 -14.08 -44.26
CA GLU K 476 -9.98 -15.17 -43.29
C GLU K 476 -8.61 -15.30 -42.64
N TYR K 477 -8.58 -15.87 -41.44
CA TYR K 477 -7.39 -15.76 -40.60
C TYR K 477 -7.38 -16.85 -39.55
N CYS K 478 -6.20 -17.05 -38.97
CA CYS K 478 -6.04 -17.77 -37.71
C CYS K 478 -5.00 -17.08 -36.85
N ARG K 479 -5.34 -16.90 -35.59
CA ARG K 479 -4.51 -16.25 -34.59
C ARG K 479 -4.01 -17.27 -33.60
N ILE K 480 -2.71 -17.25 -33.30
CA ILE K 480 -2.16 -18.04 -32.22
C ILE K 480 -1.55 -17.03 -31.25
N ASP K 481 -2.36 -16.57 -30.32
CA ASP K 481 -1.89 -15.69 -29.27
C ASP K 481 -1.35 -16.53 -28.12
N GLY K 482 -0.71 -15.89 -27.17
CA GLY K 482 -0.53 -16.51 -25.87
C GLY K 482 -1.88 -16.74 -25.22
N SER K 483 -2.02 -17.92 -24.60
CA SER K 483 -3.21 -18.33 -23.87
C SER K 483 -4.46 -18.38 -24.75
N THR K 484 -4.33 -18.90 -25.97
CA THR K 484 -5.54 -19.35 -26.65
C THR K 484 -6.10 -20.54 -25.90
N ALA K 485 -5.37 -21.67 -26.00
CA ALA K 485 -5.66 -22.96 -25.39
C ALA K 485 -4.52 -23.89 -25.75
N HIS K 486 -4.57 -25.15 -25.33
CA HIS K 486 -3.62 -26.10 -25.89
C HIS K 486 -4.19 -26.78 -27.12
N GLU K 487 -5.39 -27.33 -27.01
CA GLU K 487 -5.98 -28.09 -28.09
C GLU K 487 -6.47 -27.21 -29.23
N ASP K 488 -6.49 -25.90 -29.04
CA ASP K 488 -6.87 -24.98 -30.11
C ASP K 488 -5.67 -24.64 -30.99
N ARG K 489 -4.47 -24.61 -30.40
CA ARG K 489 -3.27 -24.40 -31.22
C ARG K 489 -3.00 -25.60 -32.12
N ILE K 490 -3.46 -26.78 -31.71
CA ILE K 490 -3.29 -27.98 -32.52
C ILE K 490 -4.09 -27.86 -33.81
N GLN K 491 -5.37 -27.49 -33.70
CA GLN K 491 -6.26 -27.57 -34.84
C GLN K 491 -6.01 -26.46 -35.85
N ALA K 492 -5.44 -25.34 -35.41
CA ALA K 492 -5.23 -24.23 -36.34
C ALA K 492 -4.06 -24.52 -37.28
N ILE K 493 -3.04 -25.21 -36.78
CA ILE K 493 -1.84 -25.46 -37.58
C ILE K 493 -2.13 -26.45 -38.69
N ASP K 494 -2.89 -27.50 -38.39
CA ASP K 494 -3.23 -28.49 -39.41
C ASP K 494 -4.15 -27.89 -40.46
N ASP K 495 -5.05 -26.99 -40.05
CA ASP K 495 -5.95 -26.38 -41.02
C ASP K 495 -5.29 -25.26 -41.79
N TYR K 496 -4.12 -24.80 -41.37
CA TYR K 496 -3.43 -23.76 -42.12
C TYR K 496 -2.41 -24.36 -43.09
N ASN K 497 -1.89 -25.54 -42.78
CA ASN K 497 -0.94 -26.22 -43.64
C ASN K 497 -1.60 -27.19 -44.61
N ALA K 498 -2.92 -27.18 -44.69
CA ALA K 498 -3.58 -28.09 -45.61
C ALA K 498 -3.49 -27.55 -47.03
N PRO K 499 -3.35 -28.42 -48.04
CA PRO K 499 -3.41 -27.96 -49.42
C PRO K 499 -4.81 -27.51 -49.79
N ASP K 500 -4.88 -26.39 -50.51
CA ASP K 500 -6.12 -25.68 -50.87
C ASP K 500 -6.93 -25.32 -49.63
N SER K 501 -6.23 -24.80 -48.62
CA SER K 501 -6.83 -24.15 -47.46
C SER K 501 -6.50 -22.66 -47.54
N LYS K 502 -7.53 -21.85 -47.77
CA LYS K 502 -7.35 -20.51 -48.30
C LYS K 502 -7.51 -19.41 -47.25
N LYS K 503 -7.03 -19.65 -46.03
CA LYS K 503 -6.91 -18.59 -45.04
C LYS K 503 -5.75 -17.70 -45.44
N PHE K 504 -6.03 -16.41 -45.69
CA PHE K 504 -5.06 -15.56 -46.37
C PHE K 504 -3.92 -15.14 -45.44
N VAL K 505 -4.25 -14.61 -44.27
CA VAL K 505 -3.27 -14.15 -43.32
C VAL K 505 -3.20 -15.13 -42.15
N PHE K 506 -2.24 -14.90 -41.25
CA PHE K 506 -2.07 -15.78 -40.09
C PHE K 506 -1.38 -14.97 -39.01
N LEU K 507 -2.15 -14.46 -38.05
CA LEU K 507 -1.65 -13.55 -37.04
C LEU K 507 -0.91 -14.33 -35.97
N LEU K 508 0.28 -13.88 -35.60
CA LEU K 508 1.09 -14.55 -34.60
C LEU K 508 1.60 -13.55 -33.57
N THR K 509 2.30 -14.08 -32.57
CA THR K 509 3.14 -13.32 -31.68
C THR K 509 4.54 -13.93 -31.67
N THR K 510 5.48 -13.19 -31.08
CA THR K 510 6.87 -13.61 -31.15
C THR K 510 7.18 -14.75 -30.20
N ARG K 511 6.97 -14.52 -28.90
CA ARG K 511 7.36 -15.48 -27.89
C ARG K 511 6.46 -16.71 -27.81
N ALA K 512 5.27 -16.67 -28.38
CA ALA K 512 4.39 -17.82 -28.32
C ALA K 512 4.42 -18.67 -29.57
N GLY K 513 4.43 -18.04 -30.73
CA GLY K 513 4.31 -18.78 -31.97
C GLY K 513 5.61 -19.02 -32.68
N GLY K 514 6.47 -18.02 -32.71
CA GLY K 514 7.68 -18.13 -33.51
C GLY K 514 8.83 -18.83 -32.81
N LEU K 515 8.59 -20.04 -32.32
CA LEU K 515 9.65 -20.81 -31.68
C LEU K 515 9.69 -22.26 -32.13
N GLY K 516 9.28 -22.57 -33.36
CA GLY K 516 9.50 -23.91 -33.87
C GLY K 516 8.30 -24.60 -34.49
N ILE K 517 7.21 -23.87 -34.68
CA ILE K 517 6.13 -24.42 -35.48
C ILE K 517 6.55 -24.44 -36.94
N ASN K 518 5.93 -25.32 -37.71
CA ASN K 518 6.33 -25.56 -39.09
C ASN K 518 5.31 -24.93 -40.02
N LEU K 519 5.76 -23.97 -40.81
CA LEU K 519 4.88 -23.19 -41.68
C LEU K 519 5.43 -23.12 -43.10
N THR K 520 5.73 -24.29 -43.68
CA THR K 520 6.25 -24.35 -45.04
C THR K 520 5.25 -23.87 -46.10
N SER K 521 3.96 -23.82 -45.80
CA SER K 521 2.93 -23.45 -46.77
C SER K 521 2.60 -21.96 -46.75
N ALA K 522 3.55 -21.11 -46.39
CA ALA K 522 3.42 -19.66 -46.53
C ALA K 522 4.83 -19.10 -46.68
N ASP K 523 4.98 -18.04 -47.46
CA ASP K 523 6.31 -17.57 -47.84
C ASP K 523 6.72 -16.24 -47.22
N VAL K 524 5.85 -15.22 -47.26
CA VAL K 524 6.26 -13.85 -47.02
C VAL K 524 5.90 -13.43 -45.60
N VAL K 525 6.79 -12.64 -45.00
CA VAL K 525 6.72 -12.26 -43.59
C VAL K 525 6.63 -10.74 -43.53
N VAL K 526 5.80 -10.22 -42.63
CA VAL K 526 5.76 -8.79 -42.35
C VAL K 526 5.94 -8.61 -40.84
N LEU K 527 7.19 -8.43 -40.43
CA LEU K 527 7.53 -8.09 -39.06
C LEU K 527 6.97 -6.74 -38.73
N TYR K 528 5.91 -6.69 -37.92
CA TYR K 528 5.24 -5.42 -37.72
C TYR K 528 6.03 -4.49 -36.81
N ASP K 529 6.86 -5.05 -35.93
CA ASP K 529 7.69 -4.22 -35.08
C ASP K 529 8.95 -4.96 -34.68
N SER K 530 9.93 -4.21 -34.21
CA SER K 530 11.21 -4.75 -33.79
C SER K 530 11.25 -4.88 -32.29
N ASP K 531 11.80 -5.97 -31.80
CA ASP K 531 11.95 -6.18 -30.38
C ASP K 531 13.33 -5.70 -29.95
N TRP K 532 13.50 -5.51 -28.63
CA TRP K 532 14.80 -5.09 -28.11
C TRP K 532 15.85 -6.17 -28.30
N ASN K 533 15.43 -7.43 -28.36
CA ASN K 533 16.33 -8.49 -28.75
C ASN K 533 16.41 -8.53 -30.26
N PRO K 534 17.60 -8.39 -30.85
CA PRO K 534 17.71 -8.42 -32.31
C PRO K 534 17.51 -9.80 -32.86
N GLN K 535 17.85 -10.81 -32.07
CA GLN K 535 17.72 -12.18 -32.52
C GLN K 535 16.40 -12.81 -32.13
N ALA K 536 15.51 -12.07 -31.47
CA ALA K 536 14.16 -12.56 -31.28
C ALA K 536 13.43 -12.64 -32.61
N ASP K 537 13.53 -11.58 -33.42
CA ASP K 537 12.95 -11.63 -34.75
C ASP K 537 13.77 -12.54 -35.67
N LEU K 538 15.08 -12.62 -35.45
CA LEU K 538 15.90 -13.52 -36.26
C LEU K 538 15.59 -14.97 -35.93
N GLN K 539 15.15 -15.25 -34.71
CA GLN K 539 14.55 -16.53 -34.38
C GLN K 539 13.25 -16.73 -35.16
N ALA K 540 12.56 -15.64 -35.48
CA ALA K 540 11.23 -15.73 -36.06
C ALA K 540 11.22 -15.45 -37.56
N MET K 541 12.21 -14.72 -38.09
CA MET K 541 12.34 -14.53 -39.53
C MET K 541 12.46 -15.86 -40.25
N ASP K 542 13.31 -16.73 -39.74
CA ASP K 542 13.64 -17.97 -40.41
C ASP K 542 12.68 -19.09 -40.06
N ARG K 543 11.46 -18.75 -39.64
CA ARG K 543 10.55 -19.78 -39.17
C ARG K 543 9.95 -20.57 -40.31
N ALA K 544 9.23 -19.89 -41.19
CA ALA K 544 8.71 -20.53 -42.38
C ALA K 544 9.83 -20.90 -43.34
N HIS K 545 10.87 -20.07 -43.40
CA HIS K 545 11.97 -20.23 -44.34
C HIS K 545 12.86 -21.38 -43.90
N ARG K 546 12.35 -22.59 -44.05
CA ARG K 546 13.08 -23.80 -43.69
C ARG K 546 12.91 -24.80 -44.83
N ILE K 547 13.27 -26.05 -44.57
CA ILE K 547 13.16 -27.12 -45.57
C ILE K 547 11.70 -27.33 -45.95
N GLY K 548 11.39 -27.20 -47.24
CA GLY K 548 10.05 -27.38 -47.73
C GLY K 548 9.43 -26.14 -48.35
N GLN K 549 10.09 -24.99 -48.27
CA GLN K 549 9.55 -23.75 -48.81
C GLN K 549 10.14 -23.53 -50.20
N LYS K 550 9.27 -23.55 -51.20
CA LYS K 550 9.68 -23.52 -52.59
C LYS K 550 9.37 -22.20 -53.27
N LYS K 551 8.68 -21.29 -52.60
CA LYS K 551 8.38 -19.99 -53.17
C LYS K 551 9.51 -19.03 -52.81
N GLN K 552 9.31 -17.74 -53.08
CA GLN K 552 10.31 -16.73 -52.78
C GLN K 552 9.94 -16.04 -51.48
N VAL K 553 10.73 -16.30 -50.44
CA VAL K 553 10.48 -15.73 -49.12
C VAL K 553 10.93 -14.27 -49.12
N LYS K 554 9.97 -13.37 -48.91
CA LYS K 554 10.22 -11.93 -48.95
C LYS K 554 9.88 -11.33 -47.59
N VAL K 555 10.89 -10.93 -46.87
CA VAL K 555 10.73 -10.39 -45.52
C VAL K 555 10.55 -8.88 -45.62
N PHE K 556 9.55 -8.36 -44.90
CA PHE K 556 9.27 -6.93 -44.90
C PHE K 556 9.25 -6.44 -43.45
N ARG K 557 10.00 -5.39 -43.18
CA ARG K 557 10.01 -4.76 -41.87
C ARG K 557 9.41 -3.37 -41.99
N LEU K 558 8.47 -3.05 -41.12
CA LEU K 558 7.82 -1.75 -41.13
C LEU K 558 8.45 -0.86 -40.06
N VAL K 559 9.17 0.16 -40.50
CA VAL K 559 9.91 1.07 -39.63
C VAL K 559 9.32 2.46 -39.77
N THR K 560 8.96 3.07 -38.64
CA THR K 560 8.38 4.41 -38.66
C THR K 560 9.51 5.44 -38.68
N ASP K 561 9.61 6.17 -39.80
CA ASP K 561 10.75 7.07 -40.02
C ASP K 561 10.60 8.32 -39.18
N ASN K 562 11.74 8.81 -38.68
CA ASN K 562 11.85 9.94 -37.75
C ASN K 562 10.99 9.73 -36.51
N SER K 563 11.28 8.65 -35.80
CA SER K 563 10.52 8.30 -34.61
C SER K 563 11.45 7.58 -33.65
N VAL K 564 10.87 6.90 -32.67
CA VAL K 564 11.66 6.24 -31.63
C VAL K 564 12.20 4.90 -32.12
N GLU K 565 11.45 4.22 -32.99
CA GLU K 565 11.71 2.82 -33.29
C GLU K 565 12.94 2.60 -34.16
N GLU K 566 13.53 3.66 -34.71
CA GLU K 566 14.78 3.50 -35.43
C GLU K 566 15.95 3.33 -34.47
N LYS K 567 15.92 4.02 -33.34
CA LYS K 567 17.00 3.91 -32.38
C LYS K 567 16.93 2.58 -31.62
N ILE K 568 15.74 1.98 -31.54
CA ILE K 568 15.66 0.59 -31.08
C ILE K 568 15.97 -0.38 -32.20
N LEU K 569 16.01 0.09 -33.45
CA LEU K 569 16.61 -0.68 -34.53
C LEU K 569 18.11 -0.38 -34.67
N GLU K 570 18.53 0.84 -34.34
CA GLU K 570 19.95 1.15 -34.33
C GLU K 570 20.66 0.42 -33.20
N ARG K 571 20.00 0.29 -32.05
CA ARG K 571 20.55 -0.48 -30.93
C ARG K 571 20.66 -1.95 -31.31
N ALA K 572 19.69 -2.45 -32.06
CA ALA K 572 19.66 -3.87 -32.40
C ALA K 572 20.73 -4.24 -33.41
N THR K 573 21.25 -3.29 -34.17
CA THR K 573 22.27 -3.61 -35.15
C THR K 573 23.60 -3.94 -34.47
N GLN K 574 23.90 -3.27 -33.36
CA GLN K 574 25.19 -3.45 -32.72
C GLN K 574 25.26 -4.77 -31.95
N LYS K 575 24.16 -5.22 -31.36
CA LYS K 575 24.16 -6.49 -30.64
C LYS K 575 24.27 -7.68 -31.58
N LEU K 576 23.95 -7.51 -32.85
CA LEU K 576 24.06 -8.57 -33.84
C LEU K 576 25.43 -8.61 -34.50
N ARG K 577 26.00 -7.44 -34.78
CA ARG K 577 27.33 -7.38 -35.41
C ARG K 577 28.45 -7.83 -34.48
N LEU K 578 28.21 -7.87 -33.16
CA LEU K 578 29.22 -8.41 -32.25
C LEU K 578 29.32 -9.93 -32.41
N ASP K 579 28.20 -10.60 -32.62
CA ASP K 579 28.19 -12.06 -32.67
C ASP K 579 28.31 -12.59 -34.10
N GLN K 580 27.60 -11.98 -35.05
CA GLN K 580 27.62 -12.44 -36.44
C GLN K 580 28.94 -12.11 -37.15
N LEU K 581 29.66 -11.08 -36.73
CA LEU K 581 30.84 -10.70 -37.47
C LEU K 581 32.15 -11.04 -36.76
N VAL K 582 32.13 -11.21 -35.44
CA VAL K 582 33.35 -11.60 -34.74
C VAL K 582 33.37 -13.10 -34.48
N ILE K 583 32.27 -13.64 -33.98
CA ILE K 583 32.27 -15.04 -33.57
C ILE K 583 32.02 -15.98 -34.74
N GLN K 584 31.12 -15.60 -35.66
CA GLN K 584 30.82 -16.48 -36.79
C GLN K 584 32.00 -16.61 -37.75
N GLN K 585 32.80 -15.56 -37.89
CA GLN K 585 34.04 -15.68 -38.65
C GLN K 585 35.06 -16.54 -37.91
N ASN K 586 34.97 -16.62 -36.58
CA ASN K 586 35.82 -17.49 -35.78
C ASN K 586 35.14 -18.80 -35.43
N ARG K 587 33.87 -18.98 -35.78
CA ARG K 587 33.25 -20.29 -35.59
C ARG K 587 33.45 -21.17 -36.82
N THR K 588 33.44 -20.57 -38.01
CA THR K 588 33.81 -21.31 -39.21
C THR K 588 35.28 -21.69 -39.22
N SER K 589 36.13 -20.90 -38.57
CA SER K 589 37.55 -21.22 -38.48
C SER K 589 37.76 -22.39 -37.53
BE BEF L . 12.22 -25.51 -34.91
F1 BEF L . 12.71 -24.14 -35.81
F2 BEF L . 10.55 -25.82 -35.05
F3 BEF L . 12.43 -24.88 -33.35
MG MG M . 13.10 -27.81 -33.84
PB ADP N . 15.36 -26.85 -36.70
O1B ADP N . 14.27 -25.87 -36.39
O2B ADP N . 16.57 -26.25 -37.38
O3B ADP N . 15.68 -27.79 -35.56
PA ADP N . 13.48 -28.73 -37.49
O1A ADP N . 12.33 -27.83 -37.14
O2A ADP N . 13.92 -29.83 -36.56
O3A ADP N . 14.74 -27.80 -37.82
O5' ADP N . 13.19 -29.36 -38.92
C5' ADP N . 11.96 -30.01 -39.16
C4' ADP N . 11.76 -30.00 -40.66
O4' ADP N . 12.87 -30.60 -41.31
C3' ADP N . 10.53 -30.80 -41.03
O3' ADP N . 9.62 -29.94 -41.70
C2' ADP N . 11.01 -31.86 -41.99
O2' ADP N . 10.20 -31.87 -43.16
C1' ADP N . 12.42 -31.44 -42.37
N9 ADP N . 13.34 -32.61 -42.53
C8 ADP N . 14.51 -32.78 -41.90
N7 ADP N . 15.12 -33.93 -42.29
C5 ADP N . 14.33 -34.50 -43.20
C6 ADP N . 14.36 -35.73 -44.02
N6 ADP N . 15.40 -36.60 -43.94
N1 ADP N . 13.34 -35.96 -44.87
C2 ADP N . 12.30 -35.11 -44.97
N3 ADP N . 12.21 -33.99 -44.26
C4 ADP N . 13.16 -33.63 -43.38
#